data_4P5A
#
_entry.id   4P5A
#
_cell.length_a   62.897
_cell.length_b   94.160
_cell.length_c   91.948
_cell.angle_alpha   90.00
_cell.angle_beta   98.30
_cell.angle_gamma   90.00
#
_symmetry.space_group_name_H-M   'P 1 21 1'
#
loop_
_entity.id
_entity.type
_entity.pdbx_description
1 polymer 'Thymidylate synthase ThyX'
2 non-polymer 'FLAVIN-ADENINE DINUCLEOTIDE'
3 non-polymer "5-BROMO-URIDINE-5'-MONOPHOSPHATE"
4 water water
#
_entity_poly.entity_id   1
_entity_poly.type   'polypeptide(L)'
_entity_poly.pdbx_seq_one_letter_code
;MESPRIELRSDITVELVDSSASDLAVVKAARVSTAGEDANDELYDGGSTRGLIRYLMRSRHGSPFEHNSMTFLVRAPIFT
VRHLMRHRTWSFNEESARYREVGAAFYVPDATRLLRQEGKPGDYRYVGGSTDDHQQVVRSATRAYEVAFEEYQRLLDSGI
AREIARLVLPVSTYSVLYATCNARALMHFLSLRTHRPDAAYVSHPQREIEMVAEQMETAWAKLMPVTHEAFTAFGRVSP
;
_entity_poly.pdbx_strand_id   A,B,C,D
#
loop_
_chem_comp.id
_chem_comp.type
_chem_comp.name
_chem_comp.formula
5BU RNA linking 5-BROMO-URIDINE-5'-MONOPHOSPHATE 'C9 H12 Br N2 O9 P'
FAD non-polymer 'FLAVIN-ADENINE DINUCLEOTIDE' 'C27 H33 N9 O15 P2'
#
# COMPACT_ATOMS: atom_id res chain seq x y z
N PRO A 4 14.43 43.56 6.36
CA PRO A 4 14.15 42.17 5.89
C PRO A 4 13.14 41.46 6.83
N ARG A 5 11.83 41.67 6.58
CA ARG A 5 10.79 41.16 7.52
C ARG A 5 10.58 39.64 7.38
N ILE A 6 10.90 39.12 6.21
CA ILE A 6 10.75 37.71 5.93
C ILE A 6 11.90 37.33 5.02
N GLU A 7 12.14 36.04 4.85
CA GLU A 7 13.14 35.57 3.93
C GLU A 7 12.52 34.99 2.67
N LEU A 8 12.83 35.52 1.50
CA LEU A 8 12.45 34.91 0.22
C LEU A 8 13.56 34.08 -0.30
N ARG A 9 13.22 32.87 -0.77
CA ARG A 9 14.24 32.00 -1.42
C ARG A 9 13.63 31.34 -2.60
N SER A 10 14.50 30.87 -3.50
CA SER A 10 14.10 30.30 -4.74
C SER A 10 14.61 28.83 -4.85
N ASP A 11 15.26 28.31 -3.79
CA ASP A 11 16.00 27.05 -3.87
C ASP A 11 15.10 25.95 -3.34
N ILE A 12 15.32 24.78 -3.85
CA ILE A 12 14.59 23.58 -3.29
C ILE A 12 15.70 22.64 -2.98
N THR A 13 15.79 22.10 -1.77
CA THR A 13 16.98 21.34 -1.48
C THR A 13 16.67 19.89 -1.19
N VAL A 14 17.52 19.01 -1.66
CA VAL A 14 17.42 17.58 -1.44
C VAL A 14 18.77 17.05 -1.10
N GLU A 15 18.89 16.34 0.01
CA GLU A 15 20.17 15.74 0.45
C GLU A 15 19.87 14.25 0.75
N LEU A 16 20.72 13.34 0.28
CA LEU A 16 20.61 11.97 0.71
C LEU A 16 21.11 11.86 2.19
N VAL A 17 20.30 11.36 3.09
CA VAL A 17 20.59 11.24 4.53
C VAL A 17 21.19 9.89 4.77
N ASP A 18 20.67 8.87 4.08
CA ASP A 18 21.11 7.53 4.31
C ASP A 18 20.62 6.64 3.21
N SER A 19 21.21 5.46 3.07
CA SER A 19 20.73 4.56 2.03
C SER A 19 21.31 3.18 2.21
N SER A 20 20.68 2.22 1.55
CA SER A 20 21.25 0.91 1.47
C SER A 20 20.83 0.47 0.10
N ALA A 21 21.61 0.85 -0.89
CA ALA A 21 21.08 0.65 -2.27
C ALA A 21 22.30 0.53 -3.19
N SER A 22 22.24 -0.39 -4.13
CA SER A 22 23.32 -0.59 -5.10
C SER A 22 22.73 -1.44 -6.25
N ASP A 23 23.40 -1.52 -7.39
CA ASP A 23 22.93 -2.40 -8.46
C ASP A 23 23.04 -3.85 -8.01
N LEU A 24 24.07 -4.13 -7.22
CA LEU A 24 24.25 -5.53 -6.75
C LEU A 24 23.06 -5.98 -5.87
N ALA A 25 22.48 -5.06 -5.11
CA ALA A 25 21.32 -5.43 -4.30
C ALA A 25 20.16 -5.93 -5.18
N VAL A 26 20.03 -5.34 -6.37
CA VAL A 26 18.96 -5.82 -7.32
C VAL A 26 19.29 -7.23 -7.78
N VAL A 27 20.53 -7.46 -8.21
CA VAL A 27 20.92 -8.75 -8.74
C VAL A 27 20.77 -9.83 -7.66
N LYS A 28 21.19 -9.53 -6.44
CA LYS A 28 20.99 -10.50 -5.38
C LYS A 28 19.52 -10.85 -5.12
N ALA A 29 18.67 -9.82 -5.07
CA ALA A 29 17.24 -10.12 -4.91
C ALA A 29 16.64 -10.91 -6.05
N ALA A 30 17.01 -10.52 -7.31
CA ALA A 30 16.47 -11.22 -8.45
C ALA A 30 16.92 -12.68 -8.46
N ARG A 31 18.16 -12.91 -8.12
CA ARG A 31 18.69 -14.28 -8.06
C ARG A 31 18.37 -15.05 -6.80
N VAL A 32 17.81 -14.36 -5.78
CA VAL A 32 17.54 -14.90 -4.40
C VAL A 32 18.89 -15.45 -3.90
N SER A 33 19.90 -14.58 -3.97
CA SER A 33 21.29 -15.04 -3.76
C SER A 33 21.57 -15.47 -2.34
N THR A 34 22.23 -16.63 -2.17
CA THR A 34 22.56 -17.10 -0.82
C THR A 34 23.87 -16.45 -0.33
N ALA A 35 24.13 -16.56 0.99
CA ALA A 35 25.44 -16.17 1.60
C ALA A 35 26.58 -16.88 0.86
N GLY A 36 27.46 -16.11 0.20
CA GLY A 36 28.56 -16.68 -0.66
C GLY A 36 28.37 -16.59 -2.18
N GLY A 47 29.67 -7.31 -17.88
CA GLY A 47 28.30 -7.12 -18.45
C GLY A 47 27.10 -7.91 -17.83
N SER A 48 27.35 -8.79 -16.86
CA SER A 48 26.24 -9.65 -16.40
C SER A 48 25.28 -8.82 -15.54
N THR A 49 25.77 -7.83 -14.80
CA THR A 49 24.82 -6.97 -13.99
C THR A 49 23.96 -6.13 -14.88
N ARG A 50 24.60 -5.49 -15.87
CA ARG A 50 23.82 -4.78 -16.87
C ARG A 50 22.82 -5.66 -17.59
N GLY A 51 23.25 -6.87 -18.02
CA GLY A 51 22.32 -7.72 -18.72
C GLY A 51 21.08 -8.14 -17.92
N LEU A 52 21.31 -8.44 -16.64
CA LEU A 52 20.22 -8.80 -15.73
C LEU A 52 19.30 -7.65 -15.44
N ILE A 53 19.86 -6.48 -15.20
CA ILE A 53 19.03 -5.31 -14.89
C ILE A 53 18.20 -4.96 -16.09
N ARG A 54 18.78 -5.01 -17.31
CA ARG A 54 17.97 -4.71 -18.50
C ARG A 54 16.90 -5.73 -18.76
N TYR A 55 17.20 -7.03 -18.51
CA TYR A 55 16.24 -8.11 -18.63
C TYR A 55 15.02 -7.82 -17.70
N LEU A 56 15.31 -7.44 -16.45
CA LEU A 56 14.20 -7.10 -15.60
C LEU A 56 13.39 -5.93 -16.10
N MET A 57 14.04 -4.86 -16.60
CA MET A 57 13.24 -3.78 -17.14
C MET A 57 12.39 -4.21 -18.36
N ARG A 58 13.01 -4.95 -19.26
CA ARG A 58 12.30 -5.41 -20.48
C ARG A 58 11.04 -6.25 -20.13
N SER A 59 11.18 -7.11 -19.14
CA SER A 59 10.14 -8.05 -18.76
C SER A 59 9.22 -7.45 -17.68
N ARG A 60 9.45 -6.18 -17.28
CA ARG A 60 8.72 -5.44 -16.24
C ARG A 60 8.71 -6.26 -14.91
N HIS A 61 9.84 -6.95 -14.60
CA HIS A 61 9.97 -7.65 -13.33
C HIS A 61 10.55 -6.61 -12.40
N GLY A 62 9.69 -5.77 -11.83
CA GLY A 62 10.18 -4.60 -11.03
C GLY A 62 10.42 -4.95 -9.57
N SER A 63 9.83 -6.06 -9.14
CA SER A 63 9.86 -6.40 -7.74
C SER A 63 11.33 -6.45 -7.15
N PRO A 64 12.36 -7.04 -7.84
CA PRO A 64 13.73 -7.04 -7.30
C PRO A 64 14.30 -5.62 -6.99
N PHE A 65 13.81 -4.55 -7.68
CA PHE A 65 14.24 -3.17 -7.45
C PHE A 65 13.69 -2.62 -6.13
N GLU A 66 12.85 -3.38 -5.42
CA GLU A 66 12.31 -2.85 -4.15
C GLU A 66 13.20 -3.22 -2.92
N HIS A 67 14.22 -4.05 -3.11
CA HIS A 67 14.92 -4.57 -1.91
C HIS A 67 16.11 -3.68 -1.55
N ASN A 68 15.82 -2.44 -1.33
CA ASN A 68 16.81 -1.38 -1.04
C ASN A 68 16.09 -0.20 -0.46
N SER A 69 16.85 0.81 0.04
CA SER A 69 16.20 2.01 0.55
C SER A 69 17.11 3.22 0.38
N MET A 70 16.49 4.39 0.26
CA MET A 70 17.15 5.66 0.20
C MET A 70 16.33 6.61 1.00
N THR A 71 16.99 7.44 1.83
CA THR A 71 16.23 8.41 2.60
C THR A 71 16.76 9.80 2.26
N PHE A 72 15.86 10.71 1.92
CA PHE A 72 16.21 12.08 1.48
C PHE A 72 15.64 13.10 2.48
N LEU A 73 16.44 14.15 2.72
CA LEU A 73 15.92 15.30 3.46
C LEU A 73 15.52 16.29 2.41
N VAL A 74 14.28 16.78 2.42
CA VAL A 74 13.82 17.67 1.40
C VAL A 74 13.30 18.97 2.00
N ARG A 75 13.72 20.10 1.42
CA ARG A 75 13.15 21.39 1.93
C ARG A 75 12.48 22.07 0.76
N ALA A 76 11.16 22.33 0.85
CA ALA A 76 10.43 22.78 -0.32
C ALA A 76 9.20 23.48 0.19
N PRO A 77 8.59 24.37 -0.62
CA PRO A 77 7.35 24.99 -0.22
C PRO A 77 6.22 23.92 -0.08
N ILE A 78 5.23 24.26 0.72
CA ILE A 78 4.13 23.33 0.92
C ILE A 78 3.44 22.92 -0.37
N PHE A 79 3.25 23.80 -1.35
CA PHE A 79 2.55 23.30 -2.53
C PHE A 79 3.33 22.17 -3.25
N THR A 80 4.65 22.21 -3.17
CA THR A 80 5.51 21.16 -3.75
C THR A 80 5.55 19.88 -2.87
N VAL A 81 5.58 20.05 -1.57
CA VAL A 81 5.51 18.89 -0.67
C VAL A 81 4.23 18.16 -0.91
N ARG A 82 3.10 18.89 -1.10
CA ARG A 82 1.88 18.21 -1.54
C ARG A 82 2.04 17.25 -2.71
N HIS A 83 2.73 17.66 -3.76
CA HIS A 83 2.89 16.79 -4.92
C HIS A 83 3.71 15.58 -4.55
N LEU A 84 4.79 15.81 -3.82
CA LEU A 84 5.65 14.71 -3.34
C LEU A 84 4.86 13.70 -2.51
N MET A 85 4.02 14.21 -1.61
CA MET A 85 3.33 13.28 -0.69
C MET A 85 2.17 12.53 -1.29
N ARG A 86 1.88 12.76 -2.58
CA ARG A 86 0.84 11.96 -3.17
C ARG A 86 1.36 10.54 -3.46
N HIS A 87 2.67 10.31 -3.44
CA HIS A 87 3.21 9.00 -3.87
C HIS A 87 3.15 8.06 -2.67
N ARG A 88 2.14 7.18 -2.70
CA ARG A 88 1.78 6.44 -1.50
C ARG A 88 2.71 5.29 -1.24
N THR A 89 3.62 4.95 -2.21
CA THR A 89 4.59 3.90 -1.95
C THR A 89 5.79 4.38 -1.17
N TRP A 90 5.85 5.66 -0.85
CA TRP A 90 7.01 6.20 -0.06
C TRP A 90 6.61 6.34 1.43
N SER A 91 7.64 6.57 2.25
CA SER A 91 7.42 6.91 3.67
C SER A 91 7.84 8.38 3.86
N PHE A 92 7.10 9.11 4.65
CA PHE A 92 7.44 10.55 4.85
C PHE A 92 7.33 10.84 6.38
N ASN A 93 8.10 11.84 6.81
CA ASN A 93 7.80 12.43 8.13
C ASN A 93 8.22 13.88 8.02
N GLU A 94 7.28 14.79 8.26
CA GLU A 94 7.44 16.20 7.96
C GLU A 94 7.40 17.03 9.24
N GLU A 95 8.09 18.17 9.27
CA GLU A 95 7.99 19.00 10.46
C GLU A 95 6.52 19.60 10.57
N SER A 96 6.05 19.75 11.78
CA SER A 96 4.60 20.11 12.02
C SER A 96 4.41 21.57 12.48
N ALA A 97 3.52 22.29 11.84
CA ALA A 97 3.17 23.63 12.30
C ALA A 97 2.17 23.57 13.44
N ARG A 98 1.56 22.40 13.72
CA ARG A 98 0.78 22.28 14.98
C ARG A 98 1.73 22.32 16.17
N TYR A 99 2.89 21.74 15.98
CA TYR A 99 3.82 21.43 17.04
C TYR A 99 4.84 22.53 17.29
N ARG A 100 5.28 23.18 16.23
CA ARG A 100 6.44 24.14 16.28
C ARG A 100 6.07 25.40 15.56
N GLU A 101 6.42 26.57 16.09
CA GLU A 101 6.30 27.81 15.26
C GLU A 101 7.09 27.75 13.92
N VAL A 102 6.48 28.28 12.87
CA VAL A 102 6.97 28.21 11.47
C VAL A 102 7.91 29.40 11.23
N GLY A 103 9.03 29.15 10.55
CA GLY A 103 10.04 30.22 10.25
C GLY A 103 9.52 31.03 9.09
N ALA A 104 9.87 32.33 9.01
CA ALA A 104 9.42 33.15 7.94
C ALA A 104 10.30 32.91 6.71
N ALA A 105 10.22 31.69 6.11
CA ALA A 105 10.96 31.50 4.88
C ALA A 105 9.94 31.09 3.85
N PHE A 106 9.92 31.79 2.71
CA PHE A 106 8.92 31.56 1.67
C PHE A 106 9.53 31.43 0.29
N TYR A 107 8.91 30.63 -0.61
CA TYR A 107 9.45 30.39 -1.92
C TYR A 107 8.89 31.44 -2.91
N VAL A 108 9.81 31.95 -3.74
CA VAL A 108 9.39 32.66 -4.98
C VAL A 108 10.24 32.12 -6.12
N PRO A 109 9.69 32.08 -7.29
CA PRO A 109 10.43 31.47 -8.41
C PRO A 109 11.59 32.37 -8.83
N ASP A 110 12.70 31.78 -9.29
CA ASP A 110 13.81 32.61 -9.70
C ASP A 110 13.60 33.20 -11.10
N ALA A 111 14.61 33.94 -11.60
CA ALA A 111 14.44 34.63 -12.87
C ALA A 111 14.38 33.70 -14.07
N THR A 112 14.73 32.43 -13.97
CA THR A 112 14.63 31.56 -15.13
C THR A 112 13.34 30.74 -15.23
N ARG A 113 12.56 30.74 -14.15
CA ARG A 113 11.30 30.00 -14.10
C ARG A 113 10.34 30.55 -15.15
N LEU A 114 9.69 29.68 -15.92
CA LEU A 114 8.69 30.13 -16.91
C LEU A 114 7.47 30.65 -16.13
N LEU A 115 6.96 31.85 -16.47
CA LEU A 115 5.83 32.47 -15.71
C LEU A 115 4.48 32.52 -16.42
N ARG A 116 4.45 32.19 -17.71
CA ARG A 116 3.22 32.34 -18.52
C ARG A 116 2.70 31.02 -19.02
N GLN A 117 1.41 30.94 -19.35
CA GLN A 117 0.82 29.69 -19.84
C GLN A 117 0.24 29.84 -21.24
N GLU A 118 0.41 28.80 -22.06
CA GLU A 118 -0.29 28.69 -23.34
C GLU A 118 -0.98 27.35 -23.50
N GLY A 119 -2.07 27.37 -24.27
CA GLY A 119 -2.82 26.15 -24.64
C GLY A 119 -3.94 25.90 -23.64
N LYS A 120 -4.59 24.75 -23.79
CA LYS A 120 -5.57 24.26 -22.84
C LYS A 120 -4.92 24.03 -21.44
N PRO A 121 -5.72 24.23 -20.37
CA PRO A 121 -5.25 24.02 -18.99
C PRO A 121 -4.71 22.61 -18.86
N GLY A 122 -5.42 21.64 -19.44
CA GLY A 122 -4.98 20.23 -19.45
C GLY A 122 -3.56 19.93 -20.00
N ASP A 123 -3.00 20.87 -20.78
CA ASP A 123 -1.68 20.67 -21.44
C ASP A 123 -0.50 21.02 -20.52
N TYR A 124 -0.77 21.76 -19.48
CA TYR A 124 0.31 22.25 -18.62
C TYR A 124 1.53 22.69 -19.46
N ARG A 125 1.27 23.55 -20.43
CA ARG A 125 2.32 24.11 -21.27
C ARG A 125 2.65 25.54 -20.85
N TYR A 126 3.90 25.73 -20.40
CA TYR A 126 4.35 27.05 -19.91
C TYR A 126 5.36 27.70 -20.84
N VAL A 127 5.47 29.04 -20.76
CA VAL A 127 6.41 29.82 -21.59
C VAL A 127 7.03 30.98 -20.78
N GLY A 128 8.15 31.55 -21.27
CA GLY A 128 8.88 32.60 -20.56
C GLY A 128 8.01 33.81 -20.29
N GLY A 129 8.27 34.46 -19.16
CA GLY A 129 7.66 35.77 -18.82
C GLY A 129 8.70 36.89 -19.09
N SER A 130 8.21 38.12 -19.27
CA SER A 130 9.11 39.31 -19.36
C SER A 130 9.84 39.61 -18.03
N THR A 131 10.82 40.51 -18.05
CA THR A 131 11.43 40.97 -16.78
C THR A 131 10.42 41.62 -15.85
N ASP A 132 9.38 42.25 -16.41
CA ASP A 132 8.41 42.89 -15.54
C ASP A 132 7.44 41.85 -14.92
N ASP A 133 7.32 40.69 -15.57
CA ASP A 133 6.49 39.58 -15.04
C ASP A 133 7.12 39.10 -13.78
N HIS A 134 8.45 38.89 -13.84
CA HIS A 134 9.19 38.39 -12.68
C HIS A 134 9.18 39.43 -11.58
N GLN A 135 9.28 40.71 -11.95
CA GLN A 135 9.16 41.76 -10.96
C GLN A 135 7.83 41.81 -10.27
N GLN A 136 6.77 41.62 -11.02
CA GLN A 136 5.42 41.67 -10.49
C GLN A 136 5.21 40.50 -9.50
N VAL A 137 5.68 39.32 -9.90
CA VAL A 137 5.60 38.15 -9.01
C VAL A 137 6.30 38.44 -7.72
N VAL A 138 7.55 38.87 -7.77
CA VAL A 138 8.24 39.20 -6.52
C VAL A 138 7.53 40.30 -5.71
N ARG A 139 7.05 41.40 -6.34
CA ARG A 139 6.35 42.46 -5.59
C ARG A 139 5.10 41.88 -4.90
N SER A 140 4.26 41.21 -5.66
CA SER A 140 3.01 40.62 -5.14
C SER A 140 3.25 39.58 -4.03
N ALA A 141 4.24 38.72 -4.26
CA ALA A 141 4.57 37.70 -3.21
C ALA A 141 5.07 38.39 -1.98
N THR A 142 5.98 39.37 -2.15
CA THR A 142 6.51 40.00 -0.97
C THR A 142 5.36 40.61 -0.11
N ARG A 143 4.45 41.32 -0.74
CA ARG A 143 3.41 42.02 0.02
C ARG A 143 2.54 40.97 0.78
N ALA A 144 2.12 39.98 0.02
CA ALA A 144 1.21 38.96 0.56
C ALA A 144 1.92 38.20 1.66
N TYR A 145 3.16 37.78 1.44
CA TYR A 145 3.85 36.99 2.49
C TYR A 145 4.14 37.81 3.70
N GLU A 146 4.53 39.07 3.47
CA GLU A 146 4.79 39.96 4.66
C GLU A 146 3.52 40.14 5.49
N VAL A 147 2.37 40.36 4.83
CA VAL A 147 1.14 40.51 5.61
C VAL A 147 0.81 39.19 6.34
N ALA A 148 0.89 38.09 5.58
CA ALA A 148 0.62 36.77 6.24
C ALA A 148 1.52 36.56 7.50
N PHE A 149 2.84 36.77 7.37
CA PHE A 149 3.68 36.48 8.54
C PHE A 149 3.48 37.48 9.69
N GLU A 150 3.17 38.74 9.35
CA GLU A 150 2.83 39.73 10.38
C GLU A 150 1.59 39.33 11.15
N GLU A 151 0.54 38.82 10.47
CA GLU A 151 -0.64 38.38 11.18
C GLU A 151 -0.36 37.03 11.92
N TYR A 152 0.44 36.12 11.34
CA TYR A 152 0.74 34.91 12.05
C TYR A 152 1.40 35.24 13.41
N GLN A 153 2.46 36.05 13.36
CA GLN A 153 3.17 36.39 14.63
C GLN A 153 2.22 37.19 15.53
N ARG A 154 1.33 38.00 14.98
CA ARG A 154 0.44 38.75 15.88
C ARG A 154 -0.46 37.79 16.67
N LEU A 155 -0.98 36.79 15.96
CA LEU A 155 -1.82 35.77 16.59
C LEU A 155 -1.09 34.96 17.62
N LEU A 156 0.14 34.57 17.30
CA LEU A 156 0.97 33.78 18.24
C LEU A 156 1.22 34.61 19.52
N ASP A 157 1.55 35.89 19.27
CA ASP A 157 1.79 36.84 20.42
C ASP A 157 0.58 36.97 21.32
N SER A 158 -0.63 36.96 20.77
CA SER A 158 -1.87 37.04 21.51
C SER A 158 -2.22 35.81 22.28
N GLY A 159 -1.51 34.71 22.03
CA GLY A 159 -1.78 33.50 22.70
C GLY A 159 -2.61 32.50 21.93
N ILE A 160 -2.83 32.76 20.65
CA ILE A 160 -3.61 31.82 19.80
C ILE A 160 -2.73 30.60 19.53
N ALA A 161 -3.37 29.43 19.55
CA ALA A 161 -2.68 28.16 19.34
C ALA A 161 -2.01 28.15 17.94
N ARG A 162 -0.81 27.57 17.91
CA ARG A 162 -0.04 27.38 16.67
C ARG A 162 -0.88 26.77 15.57
N GLU A 163 -1.70 25.76 15.88
CA GLU A 163 -2.44 25.04 14.81
C GLU A 163 -3.50 25.94 14.16
N ILE A 164 -3.96 26.98 14.88
CA ILE A 164 -4.89 27.99 14.34
C ILE A 164 -4.16 29.17 13.73
N ALA A 165 -3.09 29.68 14.35
CA ALA A 165 -2.36 30.83 13.84
C ALA A 165 -1.86 30.60 12.38
N ARG A 166 -1.43 29.36 12.08
CA ARG A 166 -0.82 29.06 10.81
C ARG A 166 -1.81 29.08 9.66
N LEU A 167 -3.09 29.25 9.95
CA LEU A 167 -4.14 29.31 8.87
C LEU A 167 -3.81 30.44 7.91
N VAL A 168 -3.08 31.50 8.36
CA VAL A 168 -2.84 32.63 7.45
C VAL A 168 -1.62 32.45 6.61
N LEU A 169 -0.81 31.41 6.87
CA LEU A 169 0.44 31.24 6.08
C LEU A 169 0.21 30.66 4.67
N PRO A 170 1.00 31.12 3.70
CA PRO A 170 0.73 30.71 2.29
C PRO A 170 1.30 29.32 1.98
N VAL A 171 0.78 28.76 0.89
CA VAL A 171 1.31 27.46 0.41
C VAL A 171 2.76 27.57 -0.09
N SER A 172 3.34 28.77 -0.17
CA SER A 172 4.76 28.91 -0.53
C SER A 172 5.65 28.81 0.69
N THR A 173 5.09 28.70 1.87
CA THR A 173 5.88 28.53 3.10
C THR A 173 6.76 27.31 3.00
N TYR A 174 8.03 27.47 3.29
CA TYR A 174 8.90 26.30 3.32
C TYR A 174 8.58 25.30 4.40
N SER A 175 8.71 24.01 4.04
CA SER A 175 8.62 22.96 5.02
C SER A 175 9.78 22.03 4.80
N VAL A 176 10.02 21.13 5.73
CA VAL A 176 11.13 20.15 5.60
C VAL A 176 10.61 18.77 6.02
N LEU A 177 11.13 17.73 5.39
CA LEU A 177 10.72 16.37 5.72
C LEU A 177 11.79 15.42 5.32
N TYR A 178 11.64 14.22 5.86
CA TYR A 178 12.32 13.03 5.41
C TYR A 178 11.40 12.27 4.48
N ALA A 179 12.00 11.78 3.40
CA ALA A 179 11.22 10.98 2.42
C ALA A 179 12.06 9.77 2.08
N THR A 180 11.50 8.59 2.23
CA THR A 180 12.27 7.32 2.02
C THR A 180 11.54 6.52 0.90
N CYS A 181 12.33 5.94 0.00
CA CYS A 181 11.78 5.18 -1.09
C CYS A 181 12.72 3.99 -1.30
N ASN A 182 12.20 2.96 -1.99
CA ASN A 182 13.09 2.03 -2.67
C ASN A 182 13.23 2.46 -4.14
N ALA A 183 14.14 1.82 -4.89
CA ALA A 183 14.45 2.24 -6.25
C ALA A 183 13.28 2.09 -7.17
N ARG A 184 12.43 1.07 -6.94
CA ARG A 184 11.26 0.94 -7.80
C ARG A 184 10.27 2.12 -7.61
N ALA A 185 10.00 2.48 -6.38
CA ALA A 185 9.19 3.62 -6.04
C ALA A 185 9.82 4.90 -6.55
N LEU A 186 11.14 5.05 -6.48
CA LEU A 186 11.78 6.25 -7.02
C LEU A 186 11.61 6.29 -8.53
N MET A 187 11.79 5.18 -9.24
CA MET A 187 11.64 5.23 -10.75
C MET A 187 10.17 5.57 -11.12
N HIS A 188 9.19 5.07 -10.35
CA HIS A 188 7.76 5.41 -10.65
C HIS A 188 7.56 6.94 -10.41
N PHE A 189 8.16 7.47 -9.34
CA PHE A 189 8.07 8.91 -9.01
C PHE A 189 8.75 9.72 -10.14
N LEU A 190 9.98 9.33 -10.52
CA LEU A 190 10.68 10.08 -11.58
C LEU A 190 9.95 10.08 -12.94
N SER A 191 9.28 8.96 -13.26
CA SER A 191 8.52 8.88 -14.50
C SER A 191 7.41 9.97 -14.52
N LEU A 192 6.83 10.24 -13.34
CA LEU A 192 5.68 11.17 -13.31
C LEU A 192 6.16 12.60 -13.03
N ARG A 193 7.25 12.78 -12.30
CA ARG A 193 7.63 14.13 -11.81
C ARG A 193 8.84 14.73 -12.50
N THR A 194 9.23 14.17 -13.67
CA THR A 194 10.19 14.88 -14.54
C THR A 194 9.50 15.00 -15.89
N HIS A 195 9.77 16.12 -16.58
CA HIS A 195 9.20 16.32 -17.93
C HIS A 195 10.33 16.06 -18.90
N ARG A 196 10.22 14.98 -19.65
N ARG A 196 10.25 14.92 -19.60
CA ARG A 196 11.29 14.49 -20.53
CA ARG A 196 11.28 14.48 -20.56
C ARG A 196 10.63 14.12 -21.87
C ARG A 196 10.56 14.16 -21.87
N PRO A 197 10.73 15.01 -22.88
CA PRO A 197 9.91 14.86 -24.16
C PRO A 197 10.14 13.59 -24.94
N ASP A 198 11.25 12.93 -24.67
CA ASP A 198 11.59 11.67 -25.31
C ASP A 198 11.39 10.35 -24.44
N ALA A 199 10.87 10.53 -23.21
CA ALA A 199 10.34 9.42 -22.44
C ALA A 199 9.16 8.67 -23.09
N ALA A 200 8.90 7.46 -22.67
CA ALA A 200 7.75 6.67 -23.14
C ALA A 200 6.44 7.45 -22.93
N TYR A 201 6.34 8.14 -21.78
CA TYR A 201 5.19 9.07 -21.46
C TYR A 201 5.72 10.41 -21.10
N VAL A 202 5.20 11.44 -21.71
CA VAL A 202 5.66 12.76 -21.37
C VAL A 202 4.71 13.26 -20.23
N SER A 203 5.23 13.46 -19.04
CA SER A 203 4.44 14.00 -17.96
C SER A 203 4.68 15.48 -17.89
N HIS A 204 3.74 16.22 -17.30
CA HIS A 204 3.81 17.73 -17.20
C HIS A 204 3.74 18.20 -15.74
N PRO A 205 4.68 17.72 -14.92
CA PRO A 205 4.69 18.12 -13.48
C PRO A 205 5.08 19.61 -13.36
N GLN A 206 4.69 20.18 -12.22
CA GLN A 206 5.09 21.54 -11.91
C GLN A 206 6.60 21.61 -11.82
N ARG A 207 7.20 22.74 -12.22
CA ARG A 207 8.65 22.83 -12.20
C ARG A 207 9.32 22.53 -10.83
N GLU A 208 8.68 22.99 -9.75
CA GLU A 208 9.21 22.84 -8.38
C GLU A 208 9.36 21.38 -7.92
N ILE A 209 8.38 20.55 -8.20
CA ILE A 209 8.54 19.14 -7.80
C ILE A 209 9.54 18.50 -8.77
N GLU A 210 9.61 19.00 -10.02
CA GLU A 210 10.65 18.56 -10.94
C GLU A 210 12.04 18.81 -10.38
N MET A 211 12.23 19.99 -9.78
CA MET A 211 13.53 20.29 -9.10
C MET A 211 13.84 19.29 -8.04
N VAL A 212 12.83 18.91 -7.24
CA VAL A 212 13.11 17.81 -6.25
C VAL A 212 13.56 16.53 -6.94
N ALA A 213 12.78 16.12 -7.92
CA ALA A 213 12.99 14.87 -8.59
C ALA A 213 14.36 14.87 -9.24
N GLU A 214 14.71 15.96 -9.90
CA GLU A 214 16.06 15.90 -10.54
C GLU A 214 17.19 15.69 -9.56
N GLN A 215 17.09 16.33 -8.40
CA GLN A 215 18.16 16.14 -7.43
C GLN A 215 18.16 14.72 -6.82
N MET A 216 16.93 14.13 -6.68
CA MET A 216 16.87 12.76 -6.21
C MET A 216 17.51 11.84 -7.22
N GLU A 217 17.22 12.10 -8.53
CA GLU A 217 17.75 11.25 -9.58
C GLU A 217 19.30 11.33 -9.59
N THR A 218 19.82 12.54 -9.51
CA THR A 218 21.27 12.68 -9.47
C THR A 218 21.92 11.89 -8.35
N ALA A 219 21.27 11.92 -7.16
CA ALA A 219 21.84 11.23 -6.02
C ALA A 219 21.76 9.74 -6.25
N TRP A 220 20.61 9.30 -6.79
CA TRP A 220 20.39 7.86 -7.04
C TRP A 220 21.40 7.30 -8.06
N ALA A 221 21.64 8.07 -9.10
CA ALA A 221 22.56 7.60 -10.13
C ALA A 221 23.95 7.32 -9.52
N LYS A 222 24.38 8.02 -8.48
CA LYS A 222 25.64 7.61 -7.85
C LYS A 222 25.53 6.24 -7.15
N LEU A 223 24.39 5.91 -6.58
CA LEU A 223 24.23 4.62 -5.86
C LEU A 223 23.99 3.45 -6.79
N MET A 224 23.21 3.72 -7.85
CA MET A 224 22.78 2.62 -8.70
C MET A 224 22.95 3.00 -10.21
N PRO A 225 24.20 3.14 -10.67
CA PRO A 225 24.43 3.75 -11.96
C PRO A 225 23.91 2.84 -13.12
N VAL A 226 23.99 1.53 -12.93
CA VAL A 226 23.48 0.62 -13.97
C VAL A 226 21.97 0.77 -14.08
N THR A 227 21.29 0.72 -12.94
CA THR A 227 19.81 0.81 -13.02
C THR A 227 19.38 2.16 -13.56
N HIS A 228 20.07 3.21 -13.15
CA HIS A 228 19.73 4.57 -13.59
C HIS A 228 19.91 4.66 -15.12
N GLU A 229 21.01 4.09 -15.62
CA GLU A 229 21.18 4.13 -17.06
C GLU A 229 20.08 3.31 -17.83
N ALA A 230 19.71 2.14 -17.36
CA ALA A 230 18.70 1.32 -17.98
C ALA A 230 17.36 1.99 -17.90
N PHE A 231 17.06 2.61 -16.75
CA PHE A 231 15.77 3.29 -16.62
C PHE A 231 15.55 4.29 -17.75
N THR A 232 16.55 5.10 -18.07
CA THR A 232 16.42 6.07 -19.16
C THR A 232 16.40 5.38 -20.54
N ALA A 233 17.24 4.42 -20.71
CA ALA A 233 17.25 3.64 -21.94
C ALA A 233 15.93 2.97 -22.25
N PHE A 234 15.14 2.55 -21.28
CA PHE A 234 13.85 1.87 -21.49
C PHE A 234 12.67 2.92 -21.43
N GLY A 235 12.94 4.22 -21.51
CA GLY A 235 11.81 5.17 -21.71
C GLY A 235 11.32 5.75 -20.38
N ARG A 236 12.10 5.51 -19.31
CA ARG A 236 11.87 6.22 -18.03
C ARG A 236 10.49 5.81 -17.48
N VAL A 237 10.21 4.55 -17.57
CA VAL A 237 9.10 3.99 -16.89
C VAL A 237 9.59 3.02 -15.87
N SER A 238 8.81 2.91 -14.82
CA SER A 238 9.23 2.00 -13.75
C SER A 238 8.86 0.56 -14.15
N PRO A 239 9.77 -0.39 -13.90
CA PRO A 239 9.44 -1.81 -14.10
C PRO A 239 8.47 -2.25 -12.95
N PRO B 4 -13.07 41.10 -6.73
CA PRO B 4 -13.92 40.11 -6.08
C PRO B 4 -13.63 39.97 -4.56
N ARG B 5 -14.73 39.99 -3.79
CA ARG B 5 -14.69 39.89 -2.32
C ARG B 5 -14.36 38.44 -1.92
N ILE B 6 -13.65 38.30 -0.82
CA ILE B 6 -13.42 36.99 -0.29
C ILE B 6 -14.67 36.54 0.47
N GLU B 7 -14.79 35.21 0.67
CA GLU B 7 -15.80 34.65 1.50
C GLU B 7 -15.16 33.88 2.70
N LEU B 8 -15.50 34.26 3.95
CA LEU B 8 -15.08 33.45 5.09
C LEU B 8 -16.13 32.44 5.47
N ARG B 9 -15.71 31.20 5.70
CA ARG B 9 -16.64 30.12 6.08
CA ARG B 9 -16.65 30.16 6.13
C ARG B 9 -16.01 29.34 7.21
N SER B 10 -16.84 28.63 8.00
CA SER B 10 -16.33 27.79 9.05
C SER B 10 -16.77 26.35 8.88
N ASP B 11 -17.43 26.02 7.79
CA ASP B 11 -18.04 24.69 7.74
C ASP B 11 -17.06 23.75 6.99
N ILE B 12 -17.16 22.50 7.33
CA ILE B 12 -16.36 21.48 6.67
C ILE B 12 -17.37 20.46 6.27
N THR B 13 -17.48 20.17 5.00
CA THR B 13 -18.59 19.31 4.57
C THR B 13 -18.12 18.00 3.99
N VAL B 14 -18.91 16.98 4.22
CA VAL B 14 -18.64 15.59 3.78
C VAL B 14 -19.99 15.09 3.29
N GLU B 15 -20.00 14.59 2.05
CA GLU B 15 -21.24 13.93 1.53
C GLU B 15 -20.84 12.57 1.06
N LEU B 16 -21.69 11.56 1.29
CA LEU B 16 -21.40 10.25 0.67
C LEU B 16 -21.91 10.26 -0.81
N VAL B 17 -21.01 10.12 -1.75
CA VAL B 17 -21.28 10.19 -3.21
C VAL B 17 -21.78 8.84 -3.63
N ASP B 18 -21.16 7.75 -3.18
CA ASP B 18 -21.64 6.48 -3.58
C ASP B 18 -21.08 5.46 -2.64
N SER B 19 -21.60 4.25 -2.65
CA SER B 19 -20.96 3.22 -1.83
C SER B 19 -21.38 1.86 -2.27
N SER B 20 -20.65 0.85 -1.84
CA SER B 20 -21.18 -0.47 -1.91
C SER B 20 -20.61 -1.12 -0.64
N ALA B 21 -21.34 -0.96 0.44
CA ALA B 21 -20.81 -1.43 1.74
C ALA B 21 -21.92 -1.83 2.63
N SER B 22 -21.75 -3.00 3.23
CA SER B 22 -22.80 -3.48 4.17
C SER B 22 -22.14 -4.49 5.10
N ASP B 23 -22.83 -4.79 6.23
CA ASP B 23 -22.27 -5.79 7.07
C ASP B 23 -22.26 -7.16 6.45
N LEU B 24 -23.30 -7.43 5.63
CA LEU B 24 -23.32 -8.70 4.94
C LEU B 24 -22.10 -8.93 4.05
N ALA B 25 -21.57 -7.85 3.47
CA ALA B 25 -20.38 -8.01 2.60
C ALA B 25 -19.17 -8.54 3.41
N VAL B 26 -19.11 -8.18 4.68
CA VAL B 26 -18.01 -8.69 5.53
C VAL B 26 -18.16 -10.15 5.83
N VAL B 27 -19.40 -10.56 6.23
CA VAL B 27 -19.71 -11.93 6.59
C VAL B 27 -19.43 -12.84 5.37
N LYS B 28 -19.85 -12.38 4.21
CA LYS B 28 -19.66 -13.24 2.96
C LYS B 28 -18.18 -13.42 2.72
N ALA B 29 -17.39 -12.34 2.80
CA ALA B 29 -15.91 -12.41 2.56
C ALA B 29 -15.29 -13.29 3.59
N ALA B 30 -15.71 -13.15 4.86
CA ALA B 30 -15.13 -13.96 5.92
C ALA B 30 -15.43 -15.48 5.82
N ARG B 31 -16.64 -15.80 5.42
CA ARG B 31 -17.09 -17.23 5.42
C ARG B 31 -16.82 -17.93 4.11
N VAL B 32 -16.15 -17.28 3.17
CA VAL B 32 -16.01 -17.88 1.82
C VAL B 32 -15.55 -19.35 1.99
N SER B 33 -16.23 -20.24 1.25
CA SER B 33 -16.02 -21.68 1.41
C SER B 33 -16.58 -22.46 0.22
N THR B 34 -16.02 -23.63 -0.02
CA THR B 34 -16.63 -24.49 -1.01
C THR B 34 -17.50 -25.60 -0.37
N TYR B 44 -23.26 -18.83 18.19
CA TYR B 44 -23.28 -17.57 18.95
C TYR B 44 -24.61 -17.41 19.71
N ASP B 45 -24.51 -16.76 20.87
CA ASP B 45 -25.63 -16.31 21.72
C ASP B 45 -26.33 -15.01 21.20
N GLY B 46 -26.71 -15.07 19.93
CA GLY B 46 -27.31 -13.92 19.28
C GLY B 46 -27.18 -14.09 17.77
N GLY B 47 -27.40 -12.99 17.06
CA GLY B 47 -27.43 -13.05 15.59
C GLY B 47 -26.03 -13.52 15.18
N SER B 48 -25.97 -14.33 14.12
CA SER B 48 -24.70 -14.87 13.64
C SER B 48 -23.92 -13.70 13.00
N THR B 49 -24.59 -12.73 12.37
CA THR B 49 -23.80 -11.59 11.77
C THR B 49 -23.07 -10.78 12.85
N ARG B 50 -23.79 -10.35 13.91
CA ARG B 50 -23.10 -9.63 15.00
C ARG B 50 -22.06 -10.52 15.66
N GLY B 51 -22.44 -11.79 15.92
CA GLY B 51 -21.42 -12.75 16.43
C GLY B 51 -20.11 -12.84 15.64
N LEU B 52 -20.24 -12.97 14.32
CA LEU B 52 -19.06 -13.12 13.50
C LEU B 52 -18.23 -11.80 13.47
N ILE B 53 -18.94 -10.71 13.36
CA ILE B 53 -18.24 -9.40 13.22
C ILE B 53 -17.53 -9.11 14.51
N ARG B 54 -18.15 -9.41 15.64
CA ARG B 54 -17.45 -9.17 16.95
C ARG B 54 -16.23 -10.04 17.09
N TYR B 55 -16.30 -11.27 16.64
CA TYR B 55 -15.19 -12.17 16.64
C TYR B 55 -14.07 -11.63 15.75
N LEU B 56 -14.43 -11.20 14.53
CA LEU B 56 -13.32 -10.68 13.71
C LEU B 56 -12.72 -9.45 14.31
N MET B 57 -13.52 -8.60 14.93
CA MET B 57 -13.03 -7.28 15.43
C MET B 57 -12.10 -7.57 16.53
N ARG B 58 -12.43 -8.53 17.41
CA ARG B 58 -11.55 -8.71 18.57
C ARG B 58 -10.30 -9.54 18.29
N SER B 59 -10.35 -10.32 17.23
CA SER B 59 -9.27 -11.14 16.75
C SER B 59 -8.42 -10.34 15.72
N ARG B 60 -8.73 -9.07 15.50
CA ARG B 60 -8.03 -8.22 14.48
C ARG B 60 -7.95 -8.97 13.15
N HIS B 61 -9.03 -9.67 12.79
CA HIS B 61 -9.06 -10.27 11.45
C HIS B 61 -9.77 -9.21 10.59
N GLY B 62 -8.99 -8.20 10.17
CA GLY B 62 -9.49 -7.02 9.44
C GLY B 62 -9.72 -7.18 7.96
N SER B 63 -9.06 -8.15 7.33
CA SER B 63 -9.11 -8.33 5.92
C SER B 63 -10.54 -8.42 5.35
N PRO B 64 -11.44 -9.20 5.99
CA PRO B 64 -12.80 -9.21 5.56
C PRO B 64 -13.50 -7.86 5.50
N PHE B 65 -13.07 -6.88 6.29
CA PHE B 65 -13.70 -5.60 6.22
C PHE B 65 -13.25 -4.74 5.03
N GLU B 66 -12.39 -5.26 4.18
CA GLU B 66 -11.92 -4.48 3.00
C GLU B 66 -12.77 -4.70 1.78
N HIS B 67 -13.71 -5.67 1.82
CA HIS B 67 -14.40 -6.02 0.57
C HIS B 67 -15.63 -5.15 0.40
N ASN B 68 -15.41 -3.82 0.28
CA ASN B 68 -16.48 -2.87 0.12
C ASN B 68 -15.92 -1.56 -0.29
N SER B 69 -16.73 -0.55 -0.50
CA SER B 69 -16.17 0.75 -0.88
CA SER B 69 -16.15 0.78 -0.82
C SER B 69 -17.13 1.87 -0.46
N MET B 70 -16.56 3.00 -0.13
CA MET B 70 -17.38 4.19 0.13
C MET B 70 -16.70 5.36 -0.52
N THR B 71 -17.45 6.25 -1.15
CA THR B 71 -16.72 7.43 -1.76
C THR B 71 -17.34 8.68 -1.18
N PHE B 72 -16.52 9.57 -0.66
CA PHE B 72 -16.99 10.81 -0.05
C PHE B 72 -16.57 12.01 -0.89
N LEU B 73 -17.42 13.02 -0.91
CA LEU B 73 -17.04 14.34 -1.42
C LEU B 73 -16.77 15.19 -0.20
N VAL B 74 -15.56 15.75 -0.13
CA VAL B 74 -15.14 16.47 1.05
C VAL B 74 -14.76 17.90 0.62
N ARG B 75 -15.28 18.91 1.33
CA ARG B 75 -14.82 20.26 1.16
C ARG B 75 -14.20 20.81 2.45
N ALA B 76 -12.93 21.22 2.38
CA ALA B 76 -12.20 21.54 3.63
C ALA B 76 -11.04 22.41 3.20
N PRO B 77 -10.43 23.18 4.17
CA PRO B 77 -9.26 23.97 3.89
C PRO B 77 -8.05 23.07 3.62
N ILE B 78 -7.15 23.55 2.80
CA ILE B 78 -5.94 22.77 2.48
C ILE B 78 -5.22 22.17 3.72
N PHE B 79 -5.08 22.94 4.81
CA PHE B 79 -4.38 22.30 5.91
C PHE B 79 -5.03 21.02 6.43
N THR B 80 -6.35 20.93 6.33
CA THR B 80 -7.08 19.72 6.78
C THR B 80 -7.06 18.65 5.69
N VAL B 81 -7.12 19.08 4.43
CA VAL B 81 -6.91 18.06 3.34
C VAL B 81 -5.57 17.36 3.45
N ARG B 82 -4.55 18.12 3.83
CA ARG B 82 -3.24 17.50 4.08
C ARG B 82 -3.35 16.36 5.09
N HIS B 83 -4.03 16.56 6.22
CA HIS B 83 -4.18 15.50 7.19
C HIS B 83 -4.89 14.28 6.56
N LEU B 84 -5.98 14.53 5.88
CA LEU B 84 -6.78 13.42 5.23
C LEU B 84 -5.85 12.67 4.28
N MET B 85 -5.08 13.42 3.46
CA MET B 85 -4.30 12.70 2.44
C MET B 85 -3.05 11.96 2.88
N ARG B 86 -2.71 12.05 4.15
CA ARG B 86 -1.68 11.19 4.66
C ARG B 86 -2.08 9.67 4.74
N HIS B 87 -3.37 9.37 4.63
CA HIS B 87 -3.79 7.99 4.82
C HIS B 87 -3.66 7.22 3.52
N ARG B 88 -2.57 6.48 3.34
CA ARG B 88 -2.15 5.93 2.06
C ARG B 88 -2.99 4.78 1.60
N THR B 89 -3.84 4.26 2.49
CA THR B 89 -4.72 3.17 2.06
C THR B 89 -6.00 3.68 1.36
N TRP B 90 -6.17 4.99 1.25
CA TRP B 90 -7.35 5.56 0.59
C TRP B 90 -7.00 5.95 -0.87
N SER B 91 -8.03 6.28 -1.65
CA SER B 91 -7.86 6.84 -2.97
C SER B 91 -8.42 8.24 -2.93
N PHE B 92 -7.76 9.17 -3.60
CA PHE B 92 -8.16 10.61 -3.59
C PHE B 92 -8.13 11.19 -4.99
N ASN B 93 -9.00 12.18 -5.27
CA ASN B 93 -8.78 13.00 -6.48
C ASN B 93 -9.32 14.36 -6.10
N GLU B 94 -8.44 15.38 -6.20
CA GLU B 94 -8.71 16.73 -5.71
C GLU B 94 -8.74 17.73 -6.86
N GLU B 95 -9.51 18.80 -6.69
CA GLU B 95 -9.50 19.87 -7.68
C GLU B 95 -8.15 20.51 -7.65
N SER B 96 -7.68 20.88 -8.83
CA SER B 96 -6.35 21.41 -8.97
C SER B 96 -6.26 22.96 -9.16
N ALA B 97 -5.37 23.62 -8.42
CA ALA B 97 -5.06 25.05 -8.64
C ALA B 97 -4.13 25.29 -9.79
N ARG B 98 -3.34 24.27 -10.22
CA ARG B 98 -2.61 24.44 -11.50
C ARG B 98 -3.61 24.51 -12.63
N TYR B 99 -4.73 23.79 -12.51
CA TYR B 99 -5.67 23.59 -13.63
C TYR B 99 -6.74 24.70 -13.67
N ARG B 100 -7.21 25.15 -12.53
CA ARG B 100 -8.35 26.05 -12.55
C ARG B 100 -8.11 27.15 -11.51
N GLU B 101 -8.63 28.36 -11.80
CA GLU B 101 -8.54 29.45 -10.82
C GLU B 101 -9.26 29.10 -9.54
N VAL B 102 -8.67 29.53 -8.41
CA VAL B 102 -9.17 29.13 -7.14
C VAL B 102 -10.24 30.16 -6.75
N GLY B 103 -11.30 29.66 -6.12
CA GLY B 103 -12.38 30.50 -5.56
C GLY B 103 -11.98 31.23 -4.31
N ALA B 104 -12.76 32.23 -3.94
CA ALA B 104 -12.32 33.06 -2.85
C ALA B 104 -12.98 32.62 -1.55
N ALA B 105 -12.86 31.34 -1.19
CA ALA B 105 -13.48 30.86 0.05
C ALA B 105 -12.38 30.41 0.93
N PHE B 106 -12.42 30.86 2.19
CA PHE B 106 -11.27 30.68 3.13
C PHE B 106 -11.85 30.27 4.46
N TYR B 107 -11.18 29.34 5.16
CA TYR B 107 -11.70 28.88 6.42
C TYR B 107 -11.26 29.77 7.63
N VAL B 108 -12.22 30.00 8.53
CA VAL B 108 -11.87 30.59 9.85
C VAL B 108 -12.66 29.78 10.86
N PRO B 109 -12.11 29.56 12.04
CA PRO B 109 -12.82 28.75 13.03
C PRO B 109 -14.10 29.44 13.49
N ASP B 110 -15.14 28.67 13.86
CA ASP B 110 -16.32 29.33 14.43
C ASP B 110 -16.18 29.64 15.94
N ALA B 111 -17.22 30.22 16.50
CA ALA B 111 -17.07 30.72 17.87
C ALA B 111 -16.92 29.61 18.91
N THR B 112 -17.20 28.35 18.57
CA THR B 112 -17.08 27.25 19.54
C THR B 112 -15.67 26.63 19.56
N ARG B 113 -14.91 26.81 18.50
CA ARG B 113 -13.53 26.25 18.43
C ARG B 113 -12.64 26.67 19.63
N LEU B 114 -11.88 25.74 20.15
CA LEU B 114 -10.93 26.11 21.24
C LEU B 114 -9.76 26.81 20.60
N LEU B 115 -9.35 27.96 21.11
CA LEU B 115 -8.30 28.73 20.43
C LEU B 115 -6.97 28.84 21.14
N ARG B 116 -6.89 28.32 22.37
CA ARG B 116 -5.67 28.40 23.15
C ARG B 116 -5.12 27.06 23.44
N GLN B 117 -3.84 27.03 23.78
CA GLN B 117 -3.21 25.76 24.07
C GLN B 117 -2.53 25.82 25.43
N GLU B 118 -2.67 24.78 26.22
CA GLU B 118 -1.87 24.67 27.47
C GLU B 118 -0.91 23.48 27.45
N GLY B 119 0.16 23.58 28.24
CA GLY B 119 1.05 22.43 28.47
C GLY B 119 2.10 22.22 27.39
N LYS B 120 2.60 20.99 27.27
CA LYS B 120 3.63 20.68 26.26
C LYS B 120 3.06 20.52 24.85
N PRO B 121 3.81 20.94 23.84
CA PRO B 121 3.44 20.79 22.43
C PRO B 121 2.89 19.38 22.06
N GLY B 122 3.52 18.32 22.58
CA GLY B 122 3.07 16.94 22.31
C GLY B 122 1.82 16.50 23.08
N ASP B 123 1.35 17.30 24.04
CA ASP B 123 0.07 17.01 24.76
C ASP B 123 -1.15 17.26 23.87
N TYR B 124 -0.98 18.16 22.90
CA TYR B 124 -2.07 18.66 22.03
C TYR B 124 -3.37 19.01 22.86
N ARG B 125 -3.18 19.64 24.02
CA ARG B 125 -4.33 20.04 24.88
C ARG B 125 -4.82 21.44 24.55
N TYR B 126 -6.05 21.53 24.06
CA TYR B 126 -6.57 22.85 23.73
C TYR B 126 -7.67 23.27 24.75
N VAL B 127 -7.76 24.59 24.95
CA VAL B 127 -8.72 25.19 25.88
C VAL B 127 -9.38 26.41 25.26
N GLY B 128 -10.50 26.81 25.89
CA GLY B 128 -11.38 27.86 25.35
C GLY B 128 -10.62 29.16 25.17
N GLY B 129 -11.00 29.93 24.13
CA GLY B 129 -10.54 31.34 23.97
C GLY B 129 -11.67 32.27 24.45
N SER B 130 -11.36 33.56 24.64
CA SER B 130 -12.38 34.56 25.02
C SER B 130 -13.06 35.09 23.77
N THR B 131 -14.11 35.89 23.96
CA THR B 131 -14.73 36.55 22.80
C THR B 131 -13.68 37.38 22.07
N ASP B 132 -12.85 38.08 22.84
CA ASP B 132 -11.77 38.79 22.23
C ASP B 132 -10.80 37.90 21.37
N ASP B 133 -10.51 36.70 21.85
CA ASP B 133 -9.67 35.75 21.04
C ASP B 133 -10.28 35.47 19.67
N HIS B 134 -11.58 35.12 19.63
N HIS B 134 -11.58 35.16 19.66
CA HIS B 134 -12.22 34.85 18.36
CA HIS B 134 -12.32 34.85 18.44
C HIS B 134 -12.16 36.07 17.46
C HIS B 134 -12.38 36.04 17.48
N GLN B 135 -12.50 37.24 18.03
CA GLN B 135 -12.48 38.47 17.22
C GLN B 135 -11.12 38.75 16.60
N GLN B 136 -10.05 38.51 17.36
CA GLN B 136 -8.67 38.77 16.96
C GLN B 136 -8.31 37.80 15.83
N VAL B 137 -8.71 36.55 15.99
CA VAL B 137 -8.56 35.61 14.84
C VAL B 137 -9.29 36.03 13.56
N VAL B 138 -10.57 36.38 13.67
CA VAL B 138 -11.30 36.76 12.51
C VAL B 138 -10.66 38.01 11.92
N ARG B 139 -10.29 38.91 12.79
CA ARG B 139 -9.63 40.14 12.32
C ARG B 139 -8.34 39.92 11.51
N SER B 140 -7.43 39.15 12.06
CA SER B 140 -6.15 38.92 11.40
C SER B 140 -6.33 38.09 10.14
N ALA B 141 -7.19 37.07 10.25
CA ALA B 141 -7.39 36.15 9.08
C ALA B 141 -8.00 36.97 7.95
N THR B 142 -9.04 37.77 8.27
CA THR B 142 -9.64 38.60 7.25
C THR B 142 -8.60 39.44 6.53
N ARG B 143 -7.70 40.07 7.27
CA ARG B 143 -6.78 40.99 6.64
C ARG B 143 -5.79 40.23 5.75
N ALA B 144 -5.26 39.17 6.31
CA ALA B 144 -4.28 38.35 5.52
C ALA B 144 -4.95 37.74 4.28
N TYR B 145 -6.19 37.22 4.42
CA TYR B 145 -6.85 36.54 3.25
C TYR B 145 -7.18 37.60 2.19
N GLU B 146 -7.61 38.81 2.63
CA GLU B 146 -7.91 39.85 1.62
C GLU B 146 -6.68 40.26 0.81
N VAL B 147 -5.50 40.42 1.45
CA VAL B 147 -4.31 40.79 0.72
C VAL B 147 -3.84 39.62 -0.17
N ALA B 148 -3.93 38.39 0.37
CA ALA B 148 -3.56 37.23 -0.48
C ALA B 148 -4.42 37.17 -1.73
N PHE B 149 -5.72 37.31 -1.57
CA PHE B 149 -6.57 37.11 -2.71
C PHE B 149 -6.40 38.29 -3.67
N GLU B 150 -6.19 39.49 -3.13
CA GLU B 150 -6.05 40.65 -4.03
C GLU B 150 -4.77 40.47 -4.89
N GLU B 151 -3.71 39.94 -4.27
CA GLU B 151 -2.48 39.70 -4.99
C GLU B 151 -2.60 38.52 -5.97
N TYR B 152 -3.34 37.47 -5.58
CA TYR B 152 -3.59 36.35 -6.50
C TYR B 152 -4.29 36.89 -7.73
N GLN B 153 -5.34 37.68 -7.52
CA GLN B 153 -6.06 38.19 -8.71
C GLN B 153 -5.20 39.14 -9.54
N ARG B 154 -4.39 39.95 -8.87
CA ARG B 154 -3.49 40.87 -9.61
C ARG B 154 -2.51 40.10 -10.49
N LEU B 155 -1.95 39.02 -9.94
CA LEU B 155 -1.07 38.16 -10.73
C LEU B 155 -1.80 37.54 -11.89
N LEU B 156 -2.96 36.93 -11.63
CA LEU B 156 -3.78 36.35 -12.74
C LEU B 156 -4.10 37.40 -13.83
N ASP B 157 -4.62 38.54 -13.40
CA ASP B 157 -4.91 39.67 -14.36
C ASP B 157 -3.68 40.09 -15.18
N SER B 158 -2.49 40.05 -14.59
CA SER B 158 -1.25 40.33 -15.27
C SER B 158 -0.82 39.23 -16.30
N GLY B 159 -1.51 38.09 -16.31
CA GLY B 159 -1.18 37.00 -17.19
C GLY B 159 -0.23 35.97 -16.57
N ILE B 160 0.02 36.05 -15.26
CA ILE B 160 0.92 35.05 -14.64
C ILE B 160 0.13 33.72 -14.58
N ALA B 161 0.84 32.58 -14.83
CA ALA B 161 0.22 31.26 -14.86
C ALA B 161 -0.41 30.94 -13.50
N ARG B 162 -1.54 30.28 -13.56
CA ARG B 162 -2.22 29.98 -12.29
C ARG B 162 -1.46 29.10 -11.30
N GLU B 163 -0.54 28.24 -11.77
CA GLU B 163 0.27 27.40 -10.83
C GLU B 163 1.29 28.23 -10.02
N ILE B 164 1.64 29.45 -10.51
CA ILE B 164 2.54 30.29 -9.80
C ILE B 164 1.74 31.33 -9.03
N ALA B 165 0.67 31.85 -9.59
CA ALA B 165 -0.13 32.85 -8.83
C ALA B 165 -0.62 32.31 -7.51
N ARG B 166 -0.97 31.02 -7.47
CA ARG B 166 -1.50 30.45 -6.20
C ARG B 166 -0.51 30.36 -5.10
N LEU B 167 0.78 30.64 -5.39
CA LEU B 167 1.75 30.73 -4.30
C LEU B 167 1.36 31.62 -3.15
N VAL B 168 0.58 32.68 -3.41
CA VAL B 168 0.25 33.63 -2.35
C VAL B 168 -0.95 33.23 -1.49
N LEU B 169 -1.65 32.14 -1.87
CA LEU B 169 -2.93 31.77 -1.16
C LEU B 169 -2.61 30.94 0.09
N PRO B 170 -3.39 31.14 1.17
CA PRO B 170 -3.08 30.59 2.44
C PRO B 170 -3.54 29.13 2.52
N VAL B 171 -3.06 28.44 3.53
CA VAL B 171 -3.43 27.02 3.72
C VAL B 171 -4.86 26.87 4.20
N SER B 172 -5.54 27.99 4.50
CA SER B 172 -6.93 27.98 4.83
C SER B 172 -7.88 27.99 3.64
N THR B 173 -7.32 28.13 2.43
CA THR B 173 -8.11 28.16 1.22
C THR B 173 -8.90 26.81 1.10
N TYR B 174 -10.18 26.87 0.76
CA TYR B 174 -10.97 25.62 0.64
C TYR B 174 -10.57 24.87 -0.64
N SER B 175 -10.53 23.53 -0.50
CA SER B 175 -10.39 22.67 -1.62
C SER B 175 -11.50 21.61 -1.56
N VAL B 176 -11.65 20.82 -2.63
CA VAL B 176 -12.71 19.88 -2.72
C VAL B 176 -12.11 18.63 -3.34
N LEU B 177 -12.49 17.46 -2.87
CA LEU B 177 -11.90 16.23 -3.44
C LEU B 177 -12.89 15.06 -3.21
N TYR B 178 -12.70 13.99 -3.99
CA TYR B 178 -13.29 12.70 -3.67
C TYR B 178 -12.26 11.91 -2.87
N ALA B 179 -12.74 11.18 -1.88
CA ALA B 179 -11.90 10.33 -0.96
C ALA B 179 -12.69 9.01 -0.85
N THR B 180 -12.05 7.93 -1.31
CA THR B 180 -12.68 6.61 -1.35
C THR B 180 -11.91 5.64 -0.40
N CYS B 181 -12.65 4.84 0.38
CA CYS B 181 -12.00 3.96 1.40
C CYS B 181 -12.85 2.71 1.45
N ASN B 182 -12.24 1.63 1.88
CA ASN B 182 -13.04 0.50 2.37
C ASN B 182 -13.23 0.67 3.90
N ALA B 183 -14.07 -0.19 4.49
CA ALA B 183 -14.40 0.06 5.89
C ALA B 183 -13.19 -0.17 6.82
N ARG B 184 -12.23 -1.06 6.45
CA ARG B 184 -11.04 -1.28 7.28
C ARG B 184 -10.20 0.01 7.27
N ALA B 185 -10.04 0.61 6.12
CA ALA B 185 -9.26 1.84 6.00
C ALA B 185 -9.99 2.97 6.72
N LEU B 186 -11.31 3.02 6.63
CA LEU B 186 -12.08 4.03 7.36
C LEU B 186 -11.88 3.81 8.87
N MET B 187 -11.95 2.58 9.36
CA MET B 187 -11.75 2.38 10.83
C MET B 187 -10.36 2.80 11.26
N HIS B 188 -9.37 2.54 10.44
CA HIS B 188 -7.97 2.95 10.86
C HIS B 188 -7.89 4.46 10.90
N PHE B 189 -8.56 5.12 9.94
CA PHE B 189 -8.55 6.59 9.92
C PHE B 189 -9.34 7.15 11.13
N LEU B 190 -10.46 6.51 11.47
CA LEU B 190 -11.30 7.04 12.57
C LEU B 190 -10.51 6.88 13.89
N SER B 191 -9.76 5.79 14.05
CA SER B 191 -9.00 5.57 15.33
C SER B 191 -8.01 6.67 15.49
N LEU B 192 -7.50 7.21 14.40
CA LEU B 192 -6.42 8.26 14.55
C LEU B 192 -6.99 9.70 14.50
N ARG B 193 -8.09 9.91 13.78
CA ARG B 193 -8.59 11.26 13.46
C ARG B 193 -9.87 11.60 14.28
N THR B 194 -10.15 10.82 15.31
CA THR B 194 -11.14 11.29 16.29
C THR B 194 -10.49 11.23 17.68
N HIS B 195 -10.86 12.21 18.52
CA HIS B 195 -10.34 12.24 19.92
C HIS B 195 -11.44 11.70 20.84
N ARG B 196 -11.28 10.47 21.30
N ARG B 196 -11.35 10.43 21.21
CA ARG B 196 -12.28 9.82 22.10
CA ARG B 196 -12.31 9.76 22.08
C ARG B 196 -11.64 9.30 23.38
C ARG B 196 -11.55 9.37 23.36
N PRO B 197 -11.87 10.03 24.51
CA PRO B 197 -11.07 9.76 25.74
C PRO B 197 -11.25 8.36 26.35
N ASP B 198 -12.38 7.73 26.02
CA ASP B 198 -12.77 6.32 26.23
C ASP B 198 -12.04 5.23 25.33
N ALA B 199 -11.40 5.65 24.21
CA ALA B 199 -10.87 4.69 23.22
C ALA B 199 -9.67 3.94 23.76
N ALA B 200 -9.31 2.81 23.17
CA ALA B 200 -8.13 2.13 23.64
C ALA B 200 -6.89 3.01 23.50
N TYR B 201 -6.85 3.82 22.44
CA TYR B 201 -5.73 4.80 22.22
C TYR B 201 -6.34 6.20 22.07
N VAL B 202 -5.87 7.15 22.85
CA VAL B 202 -6.44 8.47 22.75
C VAL B 202 -5.58 9.28 21.76
N SER B 203 -6.16 9.65 20.63
CA SER B 203 -5.40 10.38 19.61
C SER B 203 -5.77 11.86 19.75
N HIS B 204 -4.91 12.75 19.24
CA HIS B 204 -5.14 14.19 19.42
C HIS B 204 -5.09 14.87 18.05
N PRO B 205 -6.01 14.49 17.14
CA PRO B 205 -6.00 15.18 15.85
C PRO B 205 -6.48 16.62 16.00
N GLN B 206 -6.14 17.41 15.05
CA GLN B 206 -6.69 18.74 14.92
C GLN B 206 -8.20 18.74 14.79
N ARG B 207 -8.88 19.72 15.42
CA ARG B 207 -10.33 19.66 15.37
C ARG B 207 -10.95 19.56 13.95
N GLU B 208 -10.35 20.23 12.96
CA GLU B 208 -10.97 20.28 11.64
C GLU B 208 -10.98 18.91 10.95
N ILE B 209 -9.87 18.17 11.01
CA ILE B 209 -9.95 16.81 10.48
C ILE B 209 -10.86 15.91 11.26
N GLU B 210 -11.00 16.23 12.55
CA GLU B 210 -11.95 15.47 13.37
C GLU B 210 -13.36 15.73 12.86
N MET B 211 -13.70 16.97 12.48
CA MET B 211 -15.02 17.22 11.89
C MET B 211 -15.30 16.44 10.62
N VAL B 212 -14.27 16.29 9.78
CA VAL B 212 -14.40 15.40 8.61
C VAL B 212 -14.70 14.02 9.07
N ALA B 213 -13.83 13.51 9.98
CA ALA B 213 -13.97 12.12 10.44
C ALA B 213 -15.37 11.87 11.05
N GLU B 214 -15.90 12.80 11.87
CA GLU B 214 -17.21 12.52 12.51
C GLU B 214 -18.33 12.40 11.48
N GLN B 215 -18.24 13.16 10.43
CA GLN B 215 -19.29 13.08 9.42
C GLN B 215 -19.17 11.80 8.61
N MET B 216 -17.93 11.40 8.32
CA MET B 216 -17.76 10.16 7.62
C MET B 216 -18.34 9.05 8.47
N GLU B 217 -18.00 9.05 9.75
CA GLU B 217 -18.47 7.95 10.64
C GLU B 217 -19.98 7.86 10.75
N THR B 218 -20.60 9.02 10.84
CA THR B 218 -22.08 9.07 10.89
C THR B 218 -22.69 8.45 9.61
N ALA B 219 -22.10 8.76 8.47
CA ALA B 219 -22.56 8.13 7.22
C ALA B 219 -22.31 6.63 7.22
N TRP B 220 -21.10 6.22 7.58
CA TRP B 220 -20.73 4.81 7.55
C TRP B 220 -21.62 3.99 8.54
N ALA B 221 -22.02 4.62 9.65
CA ALA B 221 -22.81 3.85 10.69
C ALA B 221 -24.16 3.46 10.15
N LYS B 222 -24.64 4.23 9.18
CA LYS B 222 -25.91 3.86 8.49
C LYS B 222 -25.71 2.76 7.52
N LEU B 223 -24.54 2.67 6.86
CA LEU B 223 -24.35 1.58 5.92
C LEU B 223 -23.94 0.27 6.59
N MET B 224 -23.19 0.36 7.73
CA MET B 224 -22.66 -0.85 8.34
C MET B 224 -22.83 -0.74 9.83
N PRO B 225 -24.07 -0.78 10.27
CA PRO B 225 -24.31 -0.54 11.71
C PRO B 225 -23.75 -1.60 12.63
N VAL B 226 -23.69 -2.86 12.24
CA VAL B 226 -23.18 -3.85 13.22
C VAL B 226 -21.65 -3.65 13.34
N THR B 227 -21.00 -3.47 12.19
CA THR B 227 -19.55 -3.16 12.22
C THR B 227 -19.26 -1.92 13.08
N HIS B 228 -19.99 -0.84 12.81
CA HIS B 228 -19.79 0.37 13.55
C HIS B 228 -19.97 0.14 15.07
N GLU B 229 -21.02 -0.64 15.46
CA GLU B 229 -21.16 -0.95 16.89
C GLU B 229 -20.01 -1.73 17.44
N ALA B 230 -19.57 -2.72 16.69
CA ALA B 230 -18.41 -3.56 17.15
C ALA B 230 -17.11 -2.72 17.24
N PHE B 231 -16.87 -1.85 16.25
CA PHE B 231 -15.66 -1.04 16.29
C PHE B 231 -15.60 -0.24 17.59
N THR B 232 -16.73 0.36 17.97
CA THR B 232 -16.70 1.15 19.22
C THR B 232 -16.64 0.26 20.46
N ALA B 233 -17.27 -0.87 20.40
CA ALA B 233 -17.27 -1.83 21.56
C ALA B 233 -15.89 -2.31 21.88
N PHE B 234 -15.06 -2.47 20.84
CA PHE B 234 -13.71 -2.96 21.08
C PHE B 234 -12.59 -1.93 21.22
N GLY B 235 -12.97 -0.67 21.45
CA GLY B 235 -11.99 0.37 21.79
C GLY B 235 -11.57 1.23 20.62
N ARG B 236 -12.27 1.10 19.48
CA ARG B 236 -12.05 2.04 18.29
C ARG B 236 -10.69 1.82 17.70
N VAL B 237 -10.32 0.55 17.60
CA VAL B 237 -9.05 0.10 17.01
C VAL B 237 -9.42 -0.65 15.73
N SER B 238 -8.82 -0.33 14.57
CA SER B 238 -9.14 -1.09 13.36
C SER B 238 -8.65 -2.49 13.51
N PRO B 239 -9.42 -3.46 13.03
CA PRO B 239 -9.02 -4.82 12.99
C PRO B 239 -7.96 -4.95 11.83
N PRO C 4 -14.81 -42.68 -7.21
CA PRO C 4 -13.42 -42.77 -6.73
C PRO C 4 -13.20 -41.83 -5.52
N ARG C 5 -12.00 -41.86 -4.92
CA ARG C 5 -11.81 -41.13 -3.67
C ARG C 5 -11.47 -39.65 -3.87
N ILE C 6 -11.10 -39.24 -5.08
CA ILE C 6 -10.73 -37.83 -5.32
C ILE C 6 -11.48 -37.29 -6.54
N GLU C 7 -11.57 -35.96 -6.67
CA GLU C 7 -12.21 -35.34 -7.83
C GLU C 7 -11.12 -34.61 -8.58
N LEU C 8 -11.01 -34.85 -9.88
CA LEU C 8 -10.08 -34.08 -10.74
C LEU C 8 -10.93 -33.14 -11.52
N ARG C 9 -10.51 -31.85 -11.60
CA ARG C 9 -11.24 -30.91 -12.46
C ARG C 9 -10.22 -30.10 -13.20
N SER C 10 -10.61 -29.47 -14.29
CA SER C 10 -9.72 -28.64 -15.05
CA SER C 10 -9.70 -28.63 -15.02
C SER C 10 -10.23 -27.18 -15.16
N ASP C 11 -11.24 -26.82 -14.42
CA ASP C 11 -11.89 -25.51 -14.70
C ASP C 11 -11.35 -24.51 -13.64
N ILE C 12 -11.41 -23.26 -14.00
CA ILE C 12 -10.91 -22.22 -13.05
C ILE C 12 -12.11 -21.25 -13.07
N THR C 13 -12.76 -20.95 -11.95
CA THR C 13 -13.99 -20.17 -12.06
C THR C 13 -13.87 -18.82 -11.40
N VAL C 14 -14.52 -17.88 -12.00
CA VAL C 14 -14.55 -16.51 -11.50
C VAL C 14 -15.97 -16.04 -11.60
N GLU C 15 -16.56 -15.52 -10.53
CA GLU C 15 -17.91 -14.94 -10.62
C GLU C 15 -17.90 -13.55 -10.01
N LEU C 16 -18.54 -12.57 -10.61
CA LEU C 16 -18.62 -11.30 -9.97
C LEU C 16 -19.68 -11.35 -8.86
N VAL C 17 -19.32 -11.09 -7.64
CA VAL C 17 -20.20 -11.22 -6.51
C VAL C 17 -20.94 -9.90 -6.32
N ASP C 18 -20.25 -8.76 -6.42
CA ASP C 18 -20.92 -7.47 -6.30
C ASP C 18 -19.97 -6.41 -6.86
N SER C 19 -20.51 -5.21 -7.10
CA SER C 19 -19.66 -4.14 -7.62
C SER C 19 -20.27 -2.80 -7.43
N SER C 20 -19.44 -1.80 -7.55
CA SER C 20 -19.92 -0.45 -7.67
C SER C 20 -18.87 0.13 -8.64
N ALA C 21 -19.14 -0.03 -9.93
CA ALA C 21 -18.14 0.41 -10.91
C ALA C 21 -18.85 0.78 -12.15
N SER C 22 -18.44 1.91 -12.73
CA SER C 22 -19.06 2.32 -14.00
C SER C 22 -18.12 3.30 -14.59
N ASP C 23 -18.24 3.54 -15.88
CA ASP C 23 -17.46 4.67 -16.40
C ASP C 23 -17.83 6.07 -15.85
N LEU C 24 -19.12 6.24 -15.51
CA LEU C 24 -19.59 7.51 -14.94
C LEU C 24 -18.88 7.75 -13.59
N ALA C 25 -18.59 6.68 -12.87
CA ALA C 25 -17.82 6.87 -11.57
C ALA C 25 -16.48 7.43 -11.84
N VAL C 26 -15.85 7.09 -12.96
CA VAL C 26 -14.49 7.66 -13.29
C VAL C 26 -14.59 9.12 -13.63
N VAL C 27 -15.56 9.49 -14.47
CA VAL C 27 -15.78 10.87 -14.84
C VAL C 27 -16.06 11.70 -13.61
N LYS C 28 -16.93 11.23 -12.73
CA LYS C 28 -17.35 12.08 -11.55
C LYS C 28 -16.10 12.32 -10.67
N ALA C 29 -15.28 11.27 -10.48
CA ALA C 29 -14.03 11.42 -9.62
C ALA C 29 -13.10 12.39 -10.30
N ALA C 30 -12.95 12.26 -11.63
CA ALA C 30 -11.97 13.14 -12.32
C ALA C 30 -12.39 14.57 -12.34
N ARG C 31 -13.70 14.79 -12.40
CA ARG C 31 -14.18 16.14 -12.41
C ARG C 31 -14.48 16.67 -11.02
N VAL C 32 -14.34 15.83 -10.02
CA VAL C 32 -14.75 16.07 -8.60
C VAL C 32 -16.18 16.58 -8.56
N SER C 33 -17.08 15.80 -9.18
CA SER C 33 -18.45 16.28 -9.44
C SER C 33 -19.32 16.47 -8.16
N THR C 34 -20.04 17.59 -8.09
CA THR C 34 -20.82 17.86 -6.90
C THR C 34 -22.28 17.42 -7.13
N SER C 48 -17.06 14.39 -23.78
CA SER C 48 -17.77 13.13 -23.66
C SER C 48 -17.06 12.31 -22.55
N THR C 49 -17.71 11.24 -22.18
CA THR C 49 -17.13 10.24 -21.30
C THR C 49 -15.97 9.59 -22.01
N ARG C 50 -16.12 9.17 -23.27
CA ARG C 50 -14.98 8.58 -23.96
C ARG C 50 -13.79 9.51 -24.04
N GLY C 51 -14.03 10.77 -24.43
CA GLY C 51 -12.90 11.73 -24.54
C GLY C 51 -12.17 11.87 -23.19
N LEU C 52 -12.90 11.97 -22.11
CA LEU C 52 -12.21 12.19 -20.78
C LEU C 52 -11.44 10.94 -20.35
N ILE C 53 -12.08 9.77 -20.45
CA ILE C 53 -11.38 8.54 -20.09
C ILE C 53 -10.12 8.31 -20.94
N ARG C 54 -10.21 8.58 -22.24
CA ARG C 54 -8.99 8.53 -23.10
C ARG C 54 -7.92 9.48 -22.70
N TYR C 55 -8.29 10.69 -22.36
CA TYR C 55 -7.32 11.72 -21.87
C TYR C 55 -6.65 11.23 -20.57
N LEU C 56 -7.44 10.66 -19.66
CA LEU C 56 -6.81 10.15 -18.45
C LEU C 56 -5.82 9.06 -18.76
N MET C 57 -6.15 8.17 -19.71
CA MET C 57 -5.20 7.09 -19.93
C MET C 57 -3.93 7.61 -20.60
N ARG C 58 -4.08 8.60 -21.49
CA ARG C 58 -2.94 9.12 -22.27
C ARG C 58 -2.01 9.85 -21.33
N SER C 59 -2.59 10.55 -20.39
CA SER C 59 -1.82 11.30 -19.51
C SER C 59 -1.40 10.46 -18.26
N ARG C 60 -1.73 9.15 -18.20
CA ARG C 60 -1.51 8.30 -17.01
C ARG C 60 -2.05 8.92 -15.71
N HIS C 61 -3.21 9.58 -15.80
CA HIS C 61 -3.85 10.16 -14.59
C HIS C 61 -4.72 9.04 -14.12
N GLY C 62 -4.13 8.06 -13.43
CA GLY C 62 -4.87 6.81 -13.13
C GLY C 62 -5.72 6.88 -11.88
N SER C 63 -5.46 7.87 -11.06
CA SER C 63 -6.13 8.03 -9.78
C SER C 63 -7.70 7.97 -9.87
N PRO C 64 -8.31 8.63 -10.85
CA PRO C 64 -9.78 8.60 -10.95
C PRO C 64 -10.31 7.25 -11.23
N PHE C 65 -9.47 6.32 -11.74
CA PHE C 65 -9.96 4.94 -11.96
C PHE C 65 -9.95 4.08 -10.66
N GLU C 66 -9.51 4.63 -9.52
CA GLU C 66 -9.55 3.83 -8.27
C GLU C 66 -10.87 4.02 -7.51
N HIS C 67 -11.74 4.94 -7.95
CA HIS C 67 -12.90 5.25 -7.11
C HIS C 67 -14.12 4.37 -7.44
N ASN C 68 -13.94 3.08 -7.31
CA ASN C 68 -14.95 2.09 -7.58
C ASN C 68 -14.48 0.80 -6.99
N SER C 69 -15.29 -0.22 -7.15
CA SER C 69 -14.88 -1.53 -6.61
CA SER C 69 -14.94 -1.50 -6.57
C SER C 69 -15.61 -2.68 -7.32
N MET C 70 -14.95 -3.85 -7.38
CA MET C 70 -15.51 -5.11 -7.89
C MET C 70 -15.08 -6.22 -7.00
N THR C 71 -16.01 -7.11 -6.63
CA THR C 71 -15.60 -8.22 -5.79
C THR C 71 -15.86 -9.51 -6.53
N PHE C 72 -14.82 -10.33 -6.68
CA PHE C 72 -14.89 -11.63 -7.43
C PHE C 72 -14.77 -12.83 -6.48
N LEU C 73 -15.54 -13.89 -6.76
CA LEU C 73 -15.35 -15.17 -6.10
C LEU C 73 -14.52 -15.97 -7.07
N VAL C 74 -13.39 -16.47 -6.60
CA VAL C 74 -12.49 -17.18 -7.51
C VAL C 74 -12.26 -18.59 -6.93
N ARG C 75 -12.31 -19.63 -7.77
CA ARG C 75 -11.97 -20.95 -7.33
C ARG C 75 -10.84 -21.50 -8.24
N ALA C 76 -9.72 -21.84 -7.63
CA ALA C 76 -8.54 -22.21 -8.44
C ALA C 76 -7.63 -23.00 -7.57
N PRO C 77 -6.69 -23.72 -8.18
CA PRO C 77 -5.70 -24.42 -7.40
C PRO C 77 -4.71 -23.47 -6.75
N ILE C 78 -4.19 -23.89 -5.62
CA ILE C 78 -3.28 -23.09 -4.80
C ILE C 78 -2.19 -22.47 -5.67
N PHE C 79 -1.49 -23.24 -6.55
CA PHE C 79 -0.37 -22.56 -7.27
C PHE C 79 -0.84 -21.33 -8.07
N THR C 80 -2.11 -21.30 -8.48
CA THR C 80 -2.63 -20.13 -9.17
C THR C 80 -3.11 -19.02 -8.24
N VAL C 81 -3.70 -19.44 -7.15
CA VAL C 81 -4.04 -18.45 -6.07
C VAL C 81 -2.77 -17.74 -5.64
N ARG C 82 -1.65 -18.44 -5.53
CA ARG C 82 -0.38 -17.71 -5.20
C ARG C 82 -0.06 -16.60 -6.19
N HIS C 83 -0.27 -16.84 -7.47
CA HIS C 83 0.01 -15.81 -8.50
C HIS C 83 -0.95 -14.61 -8.30
N LEU C 84 -2.24 -14.89 -8.09
CA LEU C 84 -3.22 -13.79 -7.88
C LEU C 84 -2.86 -12.98 -6.64
N MET C 85 -2.47 -13.69 -5.57
CA MET C 85 -2.23 -13.01 -4.32
C MET C 85 -0.94 -12.17 -4.23
N ARG C 86 -0.13 -12.20 -5.29
CA ARG C 86 1.04 -11.38 -5.27
C ARG C 86 0.63 -9.90 -5.52
N HIS C 87 -0.59 -9.62 -5.99
CA HIS C 87 -0.97 -8.27 -6.39
C HIS C 87 -1.46 -7.51 -5.15
N ARG C 88 -0.55 -6.70 -4.61
CA ARG C 88 -0.73 -6.14 -3.24
C ARG C 88 -1.75 -5.01 -3.17
N THR C 89 -2.17 -4.51 -4.35
CA THR C 89 -3.20 -3.44 -4.37
C THR C 89 -4.62 -3.98 -4.28
N TRP C 90 -4.76 -5.28 -4.19
CA TRP C 90 -6.09 -5.91 -4.04
C TRP C 90 -6.36 -6.36 -2.62
N SER C 91 -7.64 -6.69 -2.35
CA SER C 91 -8.00 -7.26 -1.07
C SER C 91 -8.41 -8.72 -1.25
N PHE C 92 -8.07 -9.62 -0.31
CA PHE C 92 -8.34 -11.04 -0.54
C PHE C 92 -8.82 -11.66 0.77
N ASN C 93 -9.72 -12.65 0.68
CA ASN C 93 -9.88 -13.50 1.84
C ASN C 93 -10.15 -14.89 1.34
N GLU C 94 -9.36 -15.84 1.82
CA GLU C 94 -9.34 -17.17 1.25
C GLU C 94 -9.79 -18.22 2.29
N GLU C 95 -10.41 -19.31 1.83
CA GLU C 95 -10.76 -20.42 2.78
C GLU C 95 -9.45 -21.02 3.41
N SER C 96 -9.50 -21.33 4.71
CA SER C 96 -8.32 -21.77 5.45
C SER C 96 -8.36 -23.27 5.64
N ALA C 97 -7.25 -23.94 5.37
CA ALA C 97 -7.11 -25.38 5.68
C ALA C 97 -6.65 -25.52 7.15
N ARG C 98 -6.24 -24.45 7.82
CA ARG C 98 -6.00 -24.56 9.29
C ARG C 98 -7.35 -24.68 9.93
N TYR C 99 -8.31 -23.97 9.39
CA TYR C 99 -9.65 -23.88 10.04
C TYR C 99 -10.58 -24.97 9.68
N ARG C 100 -10.52 -25.45 8.44
CA ARG C 100 -11.53 -26.37 7.97
C ARG C 100 -10.88 -27.52 7.18
N GLU C 101 -11.37 -28.76 7.38
CA GLU C 101 -10.90 -29.85 6.46
C GLU C 101 -11.02 -29.49 4.98
N VAL C 102 -10.00 -29.86 4.21
CA VAL C 102 -9.93 -29.62 2.79
C VAL C 102 -10.63 -30.70 1.98
N GLY C 103 -11.37 -30.26 0.95
CA GLY C 103 -12.12 -31.14 0.10
C GLY C 103 -11.19 -31.83 -0.89
N ALA C 104 -11.59 -32.99 -1.41
CA ALA C 104 -10.68 -33.74 -2.30
C ALA C 104 -10.92 -33.32 -3.76
N ALA C 105 -10.66 -32.02 -4.08
CA ALA C 105 -10.82 -31.54 -5.47
C ALA C 105 -9.46 -30.97 -5.93
N PHE C 106 -8.93 -31.48 -7.07
CA PHE C 106 -7.55 -31.20 -7.45
C PHE C 106 -7.54 -30.84 -8.91
N TYR C 107 -6.69 -29.90 -9.27
CA TYR C 107 -6.61 -29.52 -10.66
C TYR C 107 -5.66 -30.36 -11.48
N VAL C 108 -6.09 -30.58 -12.74
CA VAL C 108 -5.22 -31.12 -13.82
C VAL C 108 -5.56 -30.39 -15.09
N PRO C 109 -4.58 -30.14 -15.93
CA PRO C 109 -4.85 -29.38 -17.16
C PRO C 109 -5.72 -30.17 -18.12
N ASP C 110 -6.56 -29.46 -18.87
CA ASP C 110 -7.42 -30.11 -19.89
C ASP C 110 -6.57 -30.47 -21.11
N ALA C 111 -7.20 -31.10 -22.10
CA ALA C 111 -6.50 -31.55 -23.33
C ALA C 111 -5.97 -30.41 -24.18
N THR C 112 -6.45 -29.20 -23.98
CA THR C 112 -5.96 -28.08 -24.83
C THR C 112 -4.69 -27.43 -24.24
N ARG C 113 -4.42 -27.67 -22.96
CA ARG C 113 -3.24 -27.10 -22.31
C ARG C 113 -1.93 -27.47 -22.97
N LEU C 114 -1.06 -26.50 -23.12
CA LEU C 114 0.24 -26.77 -23.75
C LEU C 114 1.03 -27.42 -22.67
N LEU C 115 1.69 -28.56 -22.98
CA LEU C 115 2.33 -29.35 -21.93
C LEU C 115 3.78 -29.42 -21.99
N ARG C 116 4.41 -28.99 -23.11
CA ARG C 116 5.89 -29.05 -23.19
C ARG C 116 6.50 -27.68 -23.33
N GLN C 117 7.82 -27.58 -23.23
CA GLN C 117 8.48 -26.29 -23.25
C GLN C 117 9.75 -26.39 -24.11
N GLU C 118 10.10 -25.29 -24.80
CA GLU C 118 11.37 -25.22 -25.54
C GLU C 118 12.07 -23.90 -25.26
N GLY C 119 13.36 -23.83 -25.57
CA GLY C 119 14.06 -22.58 -25.44
C GLY C 119 14.46 -22.35 -24.01
N LYS C 120 14.81 -21.12 -23.69
CA LYS C 120 15.42 -20.85 -22.41
C LYS C 120 14.28 -20.70 -21.37
N PRO C 121 14.58 -20.97 -20.07
CA PRO C 121 13.52 -20.87 -19.05
C PRO C 121 12.82 -19.53 -19.02
N GLY C 122 13.60 -18.46 -19.21
CA GLY C 122 13.07 -17.11 -19.16
C GLY C 122 12.23 -16.77 -20.38
N ASP C 123 12.26 -17.56 -21.45
CA ASP C 123 11.35 -17.28 -22.58
C ASP C 123 9.91 -17.75 -22.31
N TYR C 124 9.69 -18.62 -21.32
CA TYR C 124 8.31 -19.15 -21.14
C TYR C 124 7.64 -19.61 -22.46
N ARG C 125 8.36 -20.42 -23.24
CA ARG C 125 7.82 -20.81 -24.56
C ARG C 125 7.24 -22.22 -24.47
N TYR C 126 5.91 -22.32 -24.39
CA TYR C 126 5.22 -23.61 -24.31
C TYR C 126 4.73 -24.06 -25.65
N VAL C 127 4.69 -25.37 -25.83
CA VAL C 127 4.28 -26.01 -27.10
C VAL C 127 3.41 -27.24 -26.78
N GLY C 128 2.66 -27.72 -27.76
CA GLY C 128 1.71 -28.79 -27.56
C GLY C 128 2.39 -30.06 -27.08
N GLY C 129 1.59 -30.79 -26.31
CA GLY C 129 1.88 -32.16 -25.93
C GLY C 129 1.01 -33.07 -26.78
N SER C 130 1.49 -34.29 -26.97
CA SER C 130 0.71 -35.35 -27.61
C SER C 130 -0.40 -35.91 -26.68
N THR C 131 -1.37 -36.62 -27.27
CA THR C 131 -2.38 -37.35 -26.49
C THR C 131 -1.71 -38.19 -25.38
N ASP C 132 -0.52 -38.74 -25.64
CA ASP C 132 0.20 -39.51 -24.63
C ASP C 132 0.70 -38.67 -23.43
N ASP C 133 1.13 -37.45 -23.73
CA ASP C 133 1.67 -36.55 -22.73
C ASP C 133 0.53 -36.23 -21.75
N HIS C 134 -0.65 -36.07 -22.30
CA HIS C 134 -1.77 -35.67 -21.49
C HIS C 134 -2.22 -36.84 -20.61
N GLN C 135 -2.28 -38.03 -21.20
CA GLN C 135 -2.57 -39.25 -20.39
C GLN C 135 -1.51 -39.44 -19.31
N GLN C 136 -0.25 -39.19 -19.60
CA GLN C 136 0.77 -39.39 -18.59
C GLN C 136 0.57 -38.37 -17.41
N VAL C 137 0.21 -37.13 -17.77
CA VAL C 137 -0.04 -36.11 -16.71
C VAL C 137 -1.22 -36.58 -15.79
N VAL C 138 -2.32 -37.04 -16.39
CA VAL C 138 -3.53 -37.50 -15.67
C VAL C 138 -3.18 -38.72 -14.83
N ARG C 139 -2.37 -39.65 -15.38
CA ARG C 139 -1.98 -40.85 -14.59
C ARG C 139 -1.11 -40.49 -13.40
N SER C 140 -0.11 -39.61 -13.61
CA SER C 140 0.81 -39.30 -12.50
C SER C 140 0.09 -38.45 -11.47
N ALA C 141 -0.70 -37.49 -11.94
CA ALA C 141 -1.46 -36.60 -11.03
C ALA C 141 -2.42 -37.47 -10.20
N THR C 142 -3.13 -38.40 -10.85
CA THR C 142 -4.12 -39.21 -10.07
C THR C 142 -3.40 -39.98 -9.00
N ARG C 143 -2.30 -40.61 -9.37
CA ARG C 143 -1.55 -41.39 -8.40
C ARG C 143 -1.08 -40.53 -7.22
N ALA C 144 -0.41 -39.44 -7.54
CA ALA C 144 0.13 -38.61 -6.44
C ALA C 144 -1.02 -38.03 -5.61
N TYR C 145 -2.09 -37.56 -6.26
CA TYR C 145 -3.20 -36.86 -5.47
C TYR C 145 -3.90 -37.89 -4.61
N GLU C 146 -4.06 -39.09 -5.16
CA GLU C 146 -4.72 -40.16 -4.37
C GLU C 146 -3.97 -40.51 -3.07
N VAL C 147 -2.66 -40.67 -3.13
CA VAL C 147 -1.86 -40.95 -2.01
C VAL C 147 -1.92 -39.79 -1.06
N ALA C 148 -1.73 -38.57 -1.62
CA ALA C 148 -1.81 -37.39 -0.70
C ALA C 148 -3.10 -37.36 0.08
N PHE C 149 -4.22 -37.55 -0.61
CA PHE C 149 -5.45 -37.35 0.10
C PHE C 149 -5.75 -38.51 1.05
N GLU C 150 -5.30 -39.72 0.67
CA GLU C 150 -5.37 -40.87 1.62
C GLU C 150 -4.62 -40.55 2.89
N GLU C 151 -3.40 -40.01 2.81
CA GLU C 151 -2.60 -39.73 3.97
C GLU C 151 -3.17 -38.57 4.78
N TYR C 152 -3.69 -37.55 4.07
CA TYR C 152 -4.35 -36.43 4.73
C TYR C 152 -5.50 -36.91 5.60
N GLN C 153 -6.36 -37.74 5.00
CA GLN C 153 -7.53 -38.29 5.78
C GLN C 153 -7.07 -39.21 6.89
N ARG C 154 -6.05 -40.03 6.64
CA ARG C 154 -5.51 -40.93 7.68
C ARG C 154 -5.05 -40.12 8.87
N LEU C 155 -4.35 -38.99 8.61
CA LEU C 155 -3.85 -38.18 9.71
C LEU C 155 -5.02 -37.49 10.42
N LEU C 156 -6.02 -37.04 9.68
CA LEU C 156 -7.19 -36.34 10.31
C LEU C 156 -7.91 -37.36 11.20
N ASP C 157 -8.05 -38.57 10.67
CA ASP C 157 -8.74 -39.69 11.40
C ASP C 157 -8.03 -40.07 12.65
N SER C 158 -6.71 -39.93 12.70
CA SER C 158 -5.92 -40.17 13.90
C SER C 158 -5.94 -39.10 14.96
N GLY C 159 -6.56 -37.94 14.65
CA GLY C 159 -6.64 -36.78 15.54
C GLY C 159 -5.51 -35.75 15.37
N ILE C 160 -4.74 -35.85 14.26
CA ILE C 160 -3.70 -34.83 14.03
C ILE C 160 -4.43 -33.55 13.56
N ALA C 161 -3.90 -32.41 14.00
CA ALA C 161 -4.54 -31.12 13.76
C ALA C 161 -4.51 -30.85 12.24
N ARG C 162 -5.59 -30.22 11.83
CA ARG C 162 -5.83 -29.81 10.43
C ARG C 162 -4.63 -29.08 9.80
N GLU C 163 -4.02 -28.21 10.59
CA GLU C 163 -2.96 -27.35 10.06
C GLU C 163 -1.70 -28.14 9.76
N ILE C 164 -1.52 -29.31 10.44
CA ILE C 164 -0.36 -30.19 10.15
C ILE C 164 -0.72 -31.25 9.10
N ALA C 165 -1.91 -31.80 9.18
CA ALA C 165 -2.36 -32.85 8.22
C ALA C 165 -2.26 -32.37 6.80
N ARG C 166 -2.57 -31.10 6.57
CA ARG C 166 -2.53 -30.62 5.18
C ARG C 166 -1.11 -30.46 4.60
N LEU C 167 -0.06 -30.73 5.35
CA LEU C 167 1.31 -30.69 4.81
C LEU C 167 1.42 -31.63 3.63
N VAL C 168 0.60 -32.68 3.56
CA VAL C 168 0.73 -33.63 2.42
C VAL C 168 0.02 -33.24 1.14
N LEU C 169 -0.81 -32.20 1.21
CA LEU C 169 -1.67 -31.92 0.06
C LEU C 169 -0.90 -31.12 -1.03
N PRO C 170 -1.25 -31.36 -2.30
CA PRO C 170 -0.43 -30.80 -3.40
C PRO C 170 -0.81 -29.29 -3.66
N VAL C 171 0.07 -28.61 -4.38
CA VAL C 171 -0.26 -27.25 -4.77
C VAL C 171 -1.39 -27.18 -5.79
N SER C 172 -1.78 -28.33 -6.35
CA SER C 172 -2.99 -28.37 -7.17
C SER C 172 -4.36 -28.42 -6.52
N THR C 173 -4.39 -28.55 -5.18
CA THR C 173 -5.62 -28.60 -4.45
C THR C 173 -6.37 -27.28 -4.68
N TYR C 174 -7.66 -27.40 -4.87
CA TYR C 174 -8.43 -26.21 -5.14
C TYR C 174 -8.63 -25.46 -3.86
N SER C 175 -8.70 -24.15 -4.01
CA SER C 175 -9.07 -23.25 -2.92
C SER C 175 -10.10 -22.28 -3.47
N VAL C 176 -10.69 -21.48 -2.60
CA VAL C 176 -11.69 -20.53 -3.02
C VAL C 176 -11.38 -19.21 -2.22
N LEU C 177 -11.68 -18.08 -2.83
CA LEU C 177 -11.39 -16.77 -2.12
C LEU C 177 -12.27 -15.73 -2.72
N TYR C 178 -12.47 -14.63 -1.97
CA TYR C 178 -13.00 -13.39 -2.54
C TYR C 178 -11.77 -12.52 -2.82
N ALA C 179 -11.88 -11.82 -3.94
CA ALA C 179 -10.81 -10.91 -4.42
C ALA C 179 -11.44 -9.63 -4.87
N THR C 180 -11.07 -8.52 -4.23
CA THR C 180 -11.72 -7.20 -4.53
C THR C 180 -10.64 -6.22 -5.04
N CYS C 181 -11.00 -5.48 -6.08
CA CYS C 181 -10.06 -4.56 -6.73
C CYS C 181 -10.84 -3.34 -7.11
N ASN C 182 -10.14 -2.24 -7.36
CA ASN C 182 -10.76 -1.13 -8.11
C ASN C 182 -10.26 -1.31 -9.58
N ALA C 183 -10.77 -0.47 -10.48
CA ALA C 183 -10.47 -0.65 -11.93
C ALA C 183 -9.00 -0.43 -12.25
N ARG C 184 -8.36 0.50 -11.52
CA ARG C 184 -6.91 0.74 -11.72
C ARG C 184 -6.09 -0.49 -11.37
N ALA C 185 -6.40 -1.11 -10.24
CA ALA C 185 -5.70 -2.33 -9.80
C ALA C 185 -6.01 -3.46 -10.77
N LEU C 186 -7.28 -3.49 -11.29
CA LEU C 186 -7.61 -4.62 -12.21
C LEU C 186 -6.79 -4.42 -13.50
N MET C 187 -6.67 -3.19 -13.98
CA MET C 187 -5.92 -3.00 -15.22
C MET C 187 -4.43 -3.38 -15.07
N HIS C 188 -3.88 -3.02 -13.90
CA HIS C 188 -2.47 -3.34 -13.66
C HIS C 188 -2.30 -4.89 -13.64
N PHE C 189 -3.23 -5.58 -12.96
CA PHE C 189 -3.25 -7.05 -13.00
C PHE C 189 -3.43 -7.68 -14.42
N LEU C 190 -4.34 -7.11 -15.16
CA LEU C 190 -4.56 -7.63 -16.54
C LEU C 190 -3.35 -7.38 -17.41
N SER C 191 -2.63 -6.25 -17.28
CA SER C 191 -1.43 -6.01 -18.07
C SER C 191 -0.35 -7.11 -17.81
N LEU C 192 -0.27 -7.64 -16.58
CA LEU C 192 0.76 -8.63 -16.24
C LEU C 192 0.24 -10.07 -16.47
N ARG C 193 -1.07 -10.31 -16.28
CA ARG C 193 -1.60 -11.67 -16.18
C ARG C 193 -2.42 -12.09 -17.43
N THR C 194 -2.24 -11.38 -18.57
CA THR C 194 -2.69 -11.87 -19.85
C THR C 194 -1.55 -11.75 -20.81
N HIS C 195 -1.50 -12.70 -21.78
CA HIS C 195 -0.49 -12.73 -22.83
C HIS C 195 -1.20 -12.31 -24.12
N ARG C 196 -0.96 -11.10 -24.60
CA ARG C 196 -1.75 -10.50 -25.67
C ARG C 196 -0.83 -9.79 -26.66
N PRO C 197 -0.95 -10.14 -27.94
CA PRO C 197 -0.04 -9.50 -28.95
C PRO C 197 -0.42 -8.07 -29.23
N ASP C 198 -1.61 -7.64 -28.86
CA ASP C 198 -2.01 -6.23 -28.97
C ASP C 198 -1.61 -5.36 -27.72
N ALA C 199 -0.78 -5.90 -26.84
CA ALA C 199 -0.32 -5.14 -25.70
C ALA C 199 1.01 -4.45 -26.05
N ALA C 200 1.32 -3.43 -25.26
CA ALA C 200 2.63 -2.69 -25.35
C ALA C 200 3.69 -3.63 -24.84
N TYR C 201 3.32 -4.48 -23.87
CA TYR C 201 4.28 -5.45 -23.25
C TYR C 201 3.77 -6.88 -23.30
N VAL C 202 4.57 -7.82 -23.88
CA VAL C 202 4.10 -9.19 -23.94
C VAL C 202 4.55 -9.87 -22.63
N SER C 203 3.57 -10.19 -21.78
CA SER C 203 3.89 -10.79 -20.46
C SER C 203 3.68 -12.30 -20.63
N HIS C 204 4.32 -13.11 -19.80
CA HIS C 204 4.31 -14.60 -19.89
C HIS C 204 3.68 -15.31 -18.68
N PRO C 205 2.48 -14.87 -18.25
CA PRO C 205 1.87 -15.59 -17.12
C PRO C 205 1.56 -17.02 -17.44
N GLN C 206 1.48 -17.81 -16.39
CA GLN C 206 1.04 -19.19 -16.51
C GLN C 206 -0.40 -19.23 -16.95
N ARG C 207 -0.72 -20.23 -17.78
CA ARG C 207 -2.04 -20.23 -18.41
C ARG C 207 -3.23 -20.14 -17.36
N GLU C 208 -3.06 -20.82 -16.20
CA GLU C 208 -4.18 -20.89 -15.22
C GLU C 208 -4.48 -19.52 -14.65
N ILE C 209 -3.44 -18.74 -14.29
CA ILE C 209 -3.80 -17.38 -13.82
C ILE C 209 -4.36 -16.54 -14.94
N GLU C 210 -3.87 -16.80 -16.17
CA GLU C 210 -4.45 -16.08 -17.33
C GLU C 210 -5.97 -16.44 -17.50
N MET C 211 -6.36 -17.69 -17.18
CA MET C 211 -7.79 -18.03 -17.25
C MET C 211 -8.63 -17.21 -16.25
N VAL C 212 -8.05 -16.97 -15.05
CA VAL C 212 -8.75 -16.09 -14.06
C VAL C 212 -8.86 -14.69 -14.64
N ALA C 213 -7.79 -14.18 -15.19
CA ALA C 213 -7.74 -12.79 -15.66
C ALA C 213 -8.68 -12.56 -16.83
N GLU C 214 -8.76 -13.54 -17.71
CA GLU C 214 -9.67 -13.38 -18.84
C GLU C 214 -11.13 -13.27 -18.37
N GLN C 215 -11.55 -14.10 -17.40
CA GLN C 215 -12.94 -14.02 -16.91
C GLN C 215 -13.20 -12.73 -16.17
N MET C 216 -12.16 -12.23 -15.42
CA MET C 216 -12.32 -10.94 -14.73
C MET C 216 -12.54 -9.86 -15.78
N GLU C 217 -11.70 -9.88 -16.83
CA GLU C 217 -11.77 -8.79 -17.86
C GLU C 217 -13.13 -8.80 -18.57
N THR C 218 -13.61 -10.01 -18.88
CA THR C 218 -14.95 -10.16 -19.45
C THR C 218 -16.02 -9.58 -18.57
N ALA C 219 -15.94 -9.82 -17.26
CA ALA C 219 -17.00 -9.25 -16.42
C ALA C 219 -16.88 -7.76 -16.27
N TRP C 220 -15.62 -7.24 -16.20
CA TRP C 220 -15.34 -5.81 -16.10
C TRP C 220 -15.83 -5.06 -17.35
N ALA C 221 -15.72 -5.69 -18.50
CA ALA C 221 -16.14 -5.04 -19.77
C ALA C 221 -17.65 -4.74 -19.78
N LYS C 222 -18.46 -5.54 -19.08
CA LYS C 222 -19.86 -5.21 -18.94
C LYS C 222 -20.13 -4.01 -18.01
N LEU C 223 -19.26 -3.74 -17.03
CA LEU C 223 -19.48 -2.68 -16.16
C LEU C 223 -18.88 -1.34 -16.59
N MET C 224 -17.71 -1.40 -17.24
CA MET C 224 -17.03 -0.14 -17.60
C MET C 224 -16.53 -0.31 -19.06
N PRO C 225 -17.44 -0.36 -20.00
CA PRO C 225 -17.03 -0.72 -21.37
C PRO C 225 -16.16 0.42 -21.98
N VAL C 226 -16.39 1.71 -21.63
CA VAL C 226 -15.52 2.76 -22.19
C VAL C 226 -14.07 2.56 -21.69
N THR C 227 -13.94 2.39 -20.39
CA THR C 227 -12.60 2.16 -19.81
C THR C 227 -11.97 0.88 -20.34
N HIS C 228 -12.73 -0.21 -20.47
CA HIS C 228 -12.16 -1.47 -20.94
C HIS C 228 -11.67 -1.27 -22.41
N GLU C 229 -12.43 -0.54 -23.20
CA GLU C 229 -11.99 -0.29 -24.59
C GLU C 229 -10.76 0.60 -24.63
N ALA C 230 -10.72 1.62 -23.77
CA ALA C 230 -9.56 2.56 -23.75
C ALA C 230 -8.32 1.79 -23.27
N PHE C 231 -8.49 0.89 -22.28
CA PHE C 231 -7.30 0.12 -21.83
C PHE C 231 -6.60 -0.61 -22.93
N THR C 232 -7.36 -1.22 -23.83
CA THR C 232 -6.71 -1.96 -24.88
C THR C 232 -6.19 -0.98 -25.94
N ALA C 233 -6.96 0.05 -26.21
CA ALA C 233 -6.48 1.06 -27.20
C ALA C 233 -5.17 1.70 -26.85
N PHE C 234 -4.90 1.84 -25.58
CA PHE C 234 -3.63 2.45 -25.11
C PHE C 234 -2.53 1.45 -24.80
N GLY C 235 -2.69 0.19 -25.22
CA GLY C 235 -1.57 -0.73 -25.08
C GLY C 235 -1.70 -1.68 -23.92
N ARG C 236 -2.89 -1.73 -23.28
CA ARG C 236 -3.04 -2.67 -22.13
C ARG C 236 -2.04 -2.41 -20.96
N VAL C 237 -1.86 -1.13 -20.66
CA VAL C 237 -1.04 -0.73 -19.56
C VAL C 237 -1.94 0.05 -18.59
N SER C 238 -1.73 -0.13 -17.30
CA SER C 238 -2.58 0.60 -16.38
C SER C 238 -2.20 2.06 -16.37
N PRO C 239 -3.18 2.94 -16.25
CA PRO C 239 -2.84 4.39 -16.18
C PRO C 239 -2.41 4.65 -14.70
N ARG D 5 16.32 -39.38 -4.23
CA ARG D 5 15.81 -39.58 -2.84
C ARG D 5 15.40 -38.26 -2.11
N ILE D 6 14.18 -38.21 -1.59
CA ILE D 6 13.74 -36.98 -0.89
C ILE D 6 14.48 -36.73 0.44
N GLU D 7 14.55 -35.46 0.85
CA GLU D 7 15.19 -35.09 2.10
C GLU D 7 14.06 -34.52 2.98
N LEU D 8 13.85 -35.06 4.19
CA LEU D 8 12.96 -34.44 5.17
C LEU D 8 13.71 -33.54 6.13
N ARG D 9 13.20 -32.32 6.35
CA ARG D 9 13.86 -31.42 7.24
C ARG D 9 12.80 -30.84 8.14
N SER D 10 13.21 -30.31 9.27
CA SER D 10 12.29 -29.63 10.17
C SER D 10 12.68 -28.18 10.47
N ASP D 11 13.69 -27.65 9.78
CA ASP D 11 14.22 -26.36 10.16
C ASP D 11 13.51 -25.28 9.33
N ILE D 12 13.42 -24.09 9.88
CA ILE D 12 12.96 -22.93 9.07
C ILE D 12 14.09 -21.94 9.24
N THR D 13 14.63 -21.41 8.15
CA THR D 13 15.79 -20.60 8.32
C THR D 13 15.53 -19.14 7.94
N VAL D 14 16.10 -18.26 8.73
CA VAL D 14 16.03 -16.83 8.43
C VAL D 14 17.43 -16.25 8.60
N GLU D 15 17.92 -15.56 7.57
CA GLU D 15 19.22 -14.88 7.67
C GLU D 15 19.09 -13.43 7.23
N LEU D 16 19.67 -12.54 8.02
CA LEU D 16 19.66 -11.11 7.66
C LEU D 16 20.68 -10.89 6.55
N VAL D 17 20.24 -10.49 5.35
CA VAL D 17 21.06 -10.35 4.17
C VAL D 17 21.71 -8.98 4.16
N ASP D 18 20.95 -7.95 4.52
CA ASP D 18 21.41 -6.61 4.42
C ASP D 18 20.46 -5.77 5.29
N SER D 19 20.95 -4.59 5.69
CA SER D 19 20.06 -3.68 6.47
C SER D 19 20.61 -2.25 6.49
N SER D 20 19.72 -1.30 6.74
CA SER D 20 20.11 0.06 7.07
C SER D 20 19.07 0.40 8.18
N ALA D 21 19.38 0.09 9.43
CA ALA D 21 18.35 0.25 10.48
C ALA D 21 19.03 0.47 11.85
N SER D 22 18.49 1.39 12.63
CA SER D 22 19.09 1.69 13.97
C SER D 22 18.06 2.55 14.67
N ASP D 23 18.14 2.59 15.99
CA ASP D 23 17.23 3.43 16.69
C ASP D 23 17.52 4.93 16.32
N LEU D 24 18.79 5.31 16.06
CA LEU D 24 19.05 6.68 15.69
C LEU D 24 18.33 7.14 14.42
N ALA D 25 18.22 6.22 13.48
CA ALA D 25 17.43 6.47 12.22
C ALA D 25 16.00 6.90 12.56
N VAL D 26 15.41 6.35 13.61
CA VAL D 26 14.03 6.73 14.00
C VAL D 26 14.07 8.10 14.58
N VAL D 27 15.04 8.35 15.50
CA VAL D 27 15.15 9.66 16.09
C VAL D 27 15.36 10.78 15.10
N LYS D 28 16.23 10.56 14.14
CA LYS D 28 16.50 11.51 13.08
C LYS D 28 15.22 11.79 12.25
N ALA D 29 14.49 10.74 11.92
CA ALA D 29 13.28 10.92 11.13
C ALA D 29 12.21 11.63 11.92
N ALA D 30 12.05 11.25 13.20
CA ALA D 30 11.04 11.92 14.00
C ALA D 30 11.32 13.39 14.17
N ARG D 31 12.59 13.72 14.39
CA ARG D 31 12.96 15.11 14.63
C ARG D 31 13.17 15.90 13.31
N VAL D 32 13.03 15.22 12.18
CA VAL D 32 13.49 15.62 10.86
C VAL D 32 14.91 16.23 10.93
N SER D 33 15.89 15.46 11.42
CA SER D 33 17.16 16.08 11.76
C SER D 33 17.94 16.67 10.57
N THR D 34 18.33 17.95 10.69
CA THR D 34 19.06 18.68 9.63
C THR D 34 20.46 19.06 10.11
N ASP D 45 13.56 18.14 21.64
CA ASP D 45 12.71 18.08 22.85
C ASP D 45 13.60 18.18 24.06
N GLY D 46 14.91 17.91 23.85
CA GLY D 46 15.96 18.04 24.91
C GLY D 46 15.84 16.88 25.91
N GLY D 47 15.68 15.66 25.31
CA GLY D 47 15.24 14.30 25.81
C GLY D 47 16.26 13.20 25.55
N SER D 48 15.82 11.96 25.29
CA SER D 48 16.74 10.85 25.06
C SER D 48 16.13 9.97 23.94
N THR D 49 16.95 9.07 23.39
CA THR D 49 16.48 8.10 22.38
C THR D 49 15.36 7.22 23.03
N ARG D 50 15.58 6.71 24.24
CA ARG D 50 14.55 5.91 24.89
C ARG D 50 13.26 6.71 25.04
N GLY D 51 13.35 7.95 25.56
CA GLY D 51 12.16 8.80 25.86
C GLY D 51 11.35 9.01 24.56
N LEU D 52 12.09 9.28 23.49
CA LEU D 52 11.37 9.72 22.22
C LEU D 52 10.77 8.44 21.62
N ILE D 53 11.51 7.31 21.61
CA ILE D 53 10.98 6.09 20.99
C ILE D 53 9.77 5.55 21.76
N ARG D 54 9.82 5.57 23.10
CA ARG D 54 8.63 5.24 23.86
C ARG D 54 7.44 6.15 23.55
N TYR D 55 7.64 7.49 23.43
CA TYR D 55 6.57 8.40 23.24
C TYR D 55 5.96 8.06 21.84
N LEU D 56 6.81 7.83 20.83
CA LEU D 56 6.22 7.48 19.52
C LEU D 56 5.43 6.15 19.60
N MET D 57 5.95 5.13 20.27
CA MET D 57 5.36 3.85 20.36
C MET D 57 4.03 3.99 21.06
N ARG D 58 3.96 4.77 22.17
CA ARG D 58 2.70 4.77 22.90
C ARG D 58 1.68 5.63 22.22
N SER D 59 2.11 6.59 21.38
CA SER D 59 1.23 7.53 20.77
C SER D 59 0.85 7.03 19.36
N ARG D 60 1.31 5.84 19.00
CA ARG D 60 1.07 5.26 17.68
C ARG D 60 1.54 6.20 16.59
N HIS D 61 2.60 6.99 16.84
CA HIS D 61 3.16 7.80 15.76
C HIS D 61 4.19 6.91 15.06
N GLY D 62 3.68 6.03 14.19
CA GLY D 62 4.49 4.91 13.67
C GLY D 62 5.34 5.31 12.44
N SER D 63 5.00 6.42 11.79
CA SER D 63 5.63 6.79 10.56
C SER D 63 7.21 6.96 10.65
N PRO D 64 7.78 7.48 11.75
CA PRO D 64 9.26 7.54 11.84
C PRO D 64 9.92 6.20 11.85
N PHE D 65 9.19 5.13 12.25
CA PHE D 65 9.78 3.81 12.20
C PHE D 65 9.89 3.19 10.80
N GLU D 66 9.38 3.90 9.80
CA GLU D 66 9.47 3.38 8.44
C GLU D 66 10.76 3.73 7.70
N HIS D 67 11.60 4.62 8.26
CA HIS D 67 12.70 5.16 7.46
C HIS D 67 13.95 4.34 7.68
N ASN D 68 13.85 3.07 7.32
CA ASN D 68 14.95 2.10 7.48
C ASN D 68 14.58 0.87 6.67
N SER D 69 15.46 -0.12 6.62
CA SER D 69 15.16 -1.31 5.85
CA SER D 69 15.17 -1.30 5.85
C SER D 69 15.94 -2.51 6.41
N MET D 70 15.35 -3.70 6.28
CA MET D 70 16.00 -4.95 6.61
C MET D 70 15.64 -5.88 5.48
N THR D 71 16.62 -6.71 5.07
CA THR D 71 16.33 -7.69 4.04
C THR D 71 16.70 -9.08 4.62
N PHE D 72 15.75 -9.97 4.62
CA PHE D 72 15.93 -11.36 5.11
C PHE D 72 15.91 -12.36 4.00
N LEU D 73 16.76 -13.37 4.10
CA LEU D 73 16.65 -14.53 3.25
C LEU D 73 15.94 -15.62 4.05
N VAL D 74 14.84 -16.14 3.52
CA VAL D 74 14.00 -17.07 4.31
C VAL D 74 13.89 -18.34 3.53
N ARG D 75 14.08 -19.48 4.21
CA ARG D 75 13.78 -20.76 3.59
C ARG D 75 12.75 -21.55 4.42
N ALA D 76 11.59 -21.81 3.77
CA ALA D 76 10.47 -22.35 4.49
C ALA D 76 9.62 -23.10 3.57
N PRO D 77 8.77 -24.01 4.11
CA PRO D 77 7.80 -24.68 3.24
C PRO D 77 6.74 -23.73 2.66
N ILE D 78 6.21 -24.04 1.50
CA ILE D 78 5.25 -23.20 0.83
C ILE D 78 4.10 -22.79 1.70
N PHE D 79 3.55 -23.69 2.52
CA PHE D 79 2.37 -23.26 3.29
C PHE D 79 2.76 -22.07 4.29
N THR D 80 4.00 -22.01 4.73
CA THR D 80 4.48 -20.94 5.62
C THR D 80 4.85 -19.68 4.82
N VAL D 81 5.43 -19.90 3.64
CA VAL D 81 5.70 -18.72 2.74
C VAL D 81 4.37 -18.03 2.42
N ARG D 82 3.31 -18.80 2.24
CA ARG D 82 1.99 -18.17 1.99
C ARG D 82 1.58 -17.21 3.09
N HIS D 83 1.79 -17.60 4.33
CA HIS D 83 1.45 -16.73 5.44
C HIS D 83 2.32 -15.46 5.48
N LEU D 84 3.63 -15.64 5.20
CA LEU D 84 4.56 -14.50 5.11
C LEU D 84 4.14 -13.51 4.01
N MET D 85 3.74 -14.05 2.84
CA MET D 85 3.48 -13.15 1.73
C MET D 85 2.09 -12.50 1.73
N ARG D 86 1.27 -12.76 2.78
CA ARG D 86 0.07 -11.97 2.84
C ARG D 86 0.36 -10.49 3.33
N HIS D 87 1.56 -10.27 3.88
CA HIS D 87 1.83 -8.95 4.48
C HIS D 87 2.24 -8.00 3.33
N ARG D 88 1.26 -7.17 2.90
CA ARG D 88 1.38 -6.39 1.63
C ARG D 88 2.27 -5.19 1.81
N THR D 89 2.67 -4.86 3.03
CA THR D 89 3.66 -3.74 3.22
C THR D 89 5.14 -4.14 3.06
N TRP D 90 5.37 -5.41 2.81
CA TRP D 90 6.67 -5.89 2.58
C TRP D 90 6.95 -6.08 1.07
N SER D 91 8.24 -6.28 0.76
CA SER D 91 8.68 -6.61 -0.62
C SER D 91 9.23 -8.03 -0.64
N PHE D 92 8.95 -8.84 -1.65
CA PHE D 92 9.37 -10.27 -1.66
C PHE D 92 9.92 -10.57 -3.04
N ASN D 93 10.83 -11.54 -3.10
CA ASN D 93 11.13 -12.14 -4.43
C ASN D 93 11.55 -13.58 -4.15
N GLU D 94 10.92 -14.55 -4.83
CA GLU D 94 10.98 -15.91 -4.38
C GLU D 94 11.50 -16.74 -5.57
N GLU D 95 12.11 -17.89 -5.30
CA GLU D 95 12.55 -18.74 -6.41
C GLU D 95 11.32 -19.38 -7.06
N SER D 96 11.37 -19.60 -8.36
CA SER D 96 10.17 -20.03 -9.11
C SER D 96 10.27 -21.49 -9.57
N ALA D 97 9.20 -22.26 -9.37
CA ALA D 97 9.18 -23.63 -9.86
C ALA D 97 8.79 -23.62 -11.34
N ARG D 98 8.29 -22.50 -11.89
CA ARG D 98 8.04 -22.45 -13.35
C ARG D 98 9.40 -22.36 -14.05
N TYR D 99 10.33 -21.71 -13.40
CA TYR D 99 11.62 -21.36 -14.02
C TYR D 99 12.67 -22.45 -13.80
N ARG D 100 12.61 -23.06 -12.63
CA ARG D 100 13.76 -24.00 -12.23
C ARG D 100 13.19 -25.26 -11.55
N GLU D 101 13.75 -26.44 -11.86
CA GLU D 101 13.27 -27.64 -11.18
C GLU D 101 13.34 -27.51 -9.65
N VAL D 102 12.40 -28.14 -8.95
CA VAL D 102 12.30 -28.03 -7.50
C VAL D 102 13.12 -29.12 -6.86
N GLY D 103 13.87 -28.77 -5.81
CA GLY D 103 14.77 -29.70 -5.06
C GLY D 103 13.87 -30.57 -4.19
N ALA D 104 14.36 -31.75 -3.81
CA ALA D 104 13.48 -32.65 -3.08
C ALA D 104 13.64 -32.43 -1.58
N ALA D 105 13.33 -31.21 -1.06
CA ALA D 105 13.37 -30.98 0.39
C ALA D 105 11.95 -30.64 0.83
N PHE D 106 11.49 -31.31 1.87
CA PHE D 106 10.10 -31.21 2.32
C PHE D 106 10.08 -31.07 3.83
N TYR D 107 9.19 -30.22 4.34
CA TYR D 107 9.15 -30.03 5.77
C TYR D 107 8.28 -31.12 6.47
N VAL D 108 8.75 -31.52 7.64
CA VAL D 108 7.98 -32.33 8.62
C VAL D 108 8.22 -31.71 9.95
N PRO D 109 7.18 -31.67 10.80
CA PRO D 109 7.37 -31.08 12.12
C PRO D 109 8.37 -31.86 13.01
N ASP D 110 9.17 -31.17 13.82
CA ASP D 110 10.06 -31.90 14.77
C ASP D 110 9.29 -32.48 15.97
N ALA D 111 10.01 -33.14 16.88
CA ALA D 111 9.29 -33.83 17.95
C ALA D 111 8.78 -32.89 19.02
N THR D 112 9.23 -31.65 19.04
CA THR D 112 8.64 -30.72 20.01
C THR D 112 7.29 -30.10 19.52
N ARG D 113 6.99 -30.17 18.22
CA ARG D 113 5.82 -29.51 17.69
C ARG D 113 4.52 -30.01 18.33
N LEU D 114 3.56 -29.14 18.61
CA LEU D 114 2.26 -29.60 19.14
C LEU D 114 1.41 -30.16 18.02
N LEU D 115 0.84 -31.35 18.17
CA LEU D 115 0.20 -32.03 17.01
C LEU D 115 -1.32 -32.19 17.05
N ARG D 116 -1.93 -31.88 18.19
CA ARG D 116 -3.39 -32.05 18.31
C ARG D 116 -4.04 -30.70 18.57
N GLN D 117 -5.34 -30.65 18.34
CA GLN D 117 -6.07 -29.44 18.60
C GLN D 117 -7.23 -29.68 19.55
N GLU D 118 -7.61 -28.64 20.32
CA GLU D 118 -8.82 -28.70 21.14
C GLU D 118 -9.64 -27.43 21.00
N GLY D 119 -10.94 -27.59 21.27
CA GLY D 119 -11.84 -26.44 21.28
C GLY D 119 -12.31 -26.06 19.90
N LYS D 120 -12.85 -24.84 19.80
CA LYS D 120 -13.41 -24.32 18.58
C LYS D 120 -12.32 -24.12 17.52
N PRO D 121 -12.66 -24.34 16.26
CA PRO D 121 -11.67 -24.10 15.18
C PRO D 121 -11.06 -22.68 15.21
N GLY D 122 -11.85 -21.63 15.36
CA GLY D 122 -11.31 -20.27 15.39
C GLY D 122 -10.51 -19.91 16.64
N ASP D 123 -10.41 -20.83 17.62
CA ASP D 123 -9.56 -20.62 18.83
C ASP D 123 -8.09 -21.04 18.65
N TYR D 124 -7.79 -21.68 17.51
CA TYR D 124 -6.45 -22.23 17.20
C TYR D 124 -5.64 -22.67 18.45
N ARG D 125 -6.27 -23.54 19.25
CA ARG D 125 -5.65 -23.99 20.51
C ARG D 125 -4.99 -25.37 20.31
N TYR D 126 -3.67 -25.43 20.26
CA TYR D 126 -3.00 -26.73 19.99
C TYR D 126 -2.48 -27.35 21.33
N VAL D 127 -2.33 -28.67 21.36
CA VAL D 127 -1.88 -29.34 22.56
C VAL D 127 -0.95 -30.48 22.18
N GLY D 128 -0.18 -31.02 23.13
CA GLY D 128 0.90 -31.98 22.75
C GLY D 128 0.37 -33.24 22.10
N GLY D 129 1.16 -33.86 21.20
CA GLY D 129 0.82 -35.19 20.67
C GLY D 129 1.75 -36.23 21.33
N SER D 130 1.38 -37.52 21.25
CA SER D 130 2.24 -38.60 21.79
C SER D 130 3.45 -38.89 20.87
N THR D 131 4.29 -39.81 21.33
CA THR D 131 5.33 -40.34 20.46
C THR D 131 4.68 -40.98 19.23
N ASP D 132 3.59 -41.73 19.44
CA ASP D 132 2.92 -42.38 18.33
C ASP D 132 2.47 -41.31 17.30
N ASP D 133 1.94 -40.20 17.80
CA ASP D 133 1.44 -39.13 16.92
C ASP D 133 2.55 -38.66 16.03
N HIS D 134 3.69 -38.34 16.62
CA HIS D 134 4.80 -37.86 15.79
C HIS D 134 5.32 -38.91 14.78
N GLN D 135 5.44 -40.17 15.20
CA GLN D 135 5.83 -41.24 14.25
C GLN D 135 4.82 -41.46 13.10
N GLN D 136 3.53 -41.29 13.40
CA GLN D 136 2.47 -41.38 12.44
C GLN D 136 2.58 -40.24 11.36
N VAL D 137 2.82 -39.01 11.86
CA VAL D 137 2.98 -37.87 10.96
C VAL D 137 4.20 -38.13 10.02
N VAL D 138 5.35 -38.50 10.59
CA VAL D 138 6.54 -38.78 9.79
C VAL D 138 6.24 -39.90 8.82
N ARG D 139 5.57 -40.98 9.27
CA ARG D 139 5.26 -42.08 8.31
C ARG D 139 4.36 -41.65 7.13
N SER D 140 3.24 -40.97 7.45
CA SER D 140 2.33 -40.53 6.36
C SER D 140 3.00 -39.55 5.39
N ALA D 141 3.78 -38.65 5.95
CA ALA D 141 4.39 -37.53 5.20
C ALA D 141 5.44 -38.19 4.31
N THR D 142 6.19 -39.13 4.88
CA THR D 142 7.27 -39.76 4.08
C THR D 142 6.66 -40.48 2.91
N ARG D 143 5.55 -41.15 3.14
CA ARG D 143 4.94 -41.87 2.06
C ARG D 143 4.39 -40.94 0.98
N ALA D 144 3.65 -39.90 1.42
CA ALA D 144 3.04 -39.00 0.46
C ALA D 144 4.14 -38.24 -0.35
N TYR D 145 5.13 -37.74 0.33
CA TYR D 145 6.11 -36.93 -0.38
C TYR D 145 6.98 -37.80 -1.31
N GLU D 146 7.29 -39.06 -0.91
CA GLU D 146 8.01 -39.97 -1.83
C GLU D 146 7.23 -40.20 -3.12
N VAL D 147 5.91 -40.37 -3.04
CA VAL D 147 5.12 -40.62 -4.23
C VAL D 147 5.10 -39.33 -5.07
N ALA D 148 4.88 -38.20 -4.39
CA ALA D 148 4.78 -36.95 -5.14
C ALA D 148 6.10 -36.70 -5.86
N PHE D 149 7.21 -36.86 -5.17
CA PHE D 149 8.46 -36.53 -5.85
C PHE D 149 8.80 -37.52 -6.98
N GLU D 150 8.44 -38.79 -6.78
CA GLU D 150 8.64 -39.81 -7.81
C GLU D 150 7.82 -39.41 -9.07
N GLU D 151 6.59 -38.96 -8.87
CA GLU D 151 5.74 -38.59 -10.04
C GLU D 151 6.24 -37.27 -10.66
N TYR D 152 6.67 -36.34 -9.81
CA TYR D 152 7.24 -35.06 -10.37
C TYR D 152 8.40 -35.39 -11.33
N GLN D 153 9.33 -36.26 -10.86
CA GLN D 153 10.51 -36.72 -11.63
C GLN D 153 10.10 -37.46 -12.89
N ARG D 154 9.10 -38.31 -12.79
CA ARG D 154 8.63 -39.04 -13.97
C ARG D 154 8.13 -38.08 -15.02
N LEU D 155 7.35 -37.10 -14.57
CA LEU D 155 6.81 -36.06 -15.49
C LEU D 155 7.89 -35.28 -16.17
N LEU D 156 8.82 -34.75 -15.43
CA LEU D 156 9.97 -34.01 -16.01
C LEU D 156 10.79 -34.89 -17.02
N ASP D 157 11.02 -36.14 -16.62
CA ASP D 157 11.70 -37.14 -17.48
C ASP D 157 11.01 -37.40 -18.81
N SER D 158 9.69 -37.41 -18.84
CA SER D 158 9.02 -37.59 -20.08
C SER D 158 8.84 -36.27 -20.89
N GLY D 159 9.42 -35.17 -20.40
CA GLY D 159 9.39 -33.87 -21.12
C GLY D 159 8.23 -32.93 -20.80
N ILE D 160 7.50 -33.16 -19.70
CA ILE D 160 6.41 -32.25 -19.33
C ILE D 160 7.03 -31.00 -18.73
N ALA D 161 6.43 -29.85 -19.06
CA ALA D 161 6.99 -28.59 -18.64
C ALA D 161 7.02 -28.47 -17.10
N ARG D 162 8.05 -27.81 -16.60
CA ARG D 162 8.23 -27.64 -15.12
C ARG D 162 6.97 -27.03 -14.46
N GLU D 163 6.36 -26.04 -15.09
CA GLU D 163 5.19 -25.31 -14.46
C GLU D 163 3.98 -26.25 -14.30
N ILE D 164 3.92 -27.30 -15.11
CA ILE D 164 2.89 -28.34 -14.97
C ILE D 164 3.36 -29.49 -14.07
N ALA D 165 4.60 -29.92 -14.14
CA ALA D 165 5.04 -31.06 -13.33
C ALA D 165 4.94 -30.78 -11.84
N ARG D 166 5.19 -29.51 -11.43
CA ARG D 166 5.15 -29.20 -10.00
C ARG D 166 3.72 -29.30 -9.36
N LEU D 167 2.66 -29.53 -10.13
CA LEU D 167 1.25 -29.62 -9.63
C LEU D 167 1.14 -30.76 -8.66
N VAL D 168 2.00 -31.78 -8.82
CA VAL D 168 1.98 -32.91 -7.80
C VAL D 168 2.73 -32.69 -6.49
N LEU D 169 3.50 -31.58 -6.34
CA LEU D 169 4.38 -31.36 -5.18
C LEU D 169 3.51 -30.75 -4.02
N PRO D 170 3.76 -31.22 -2.80
CA PRO D 170 3.00 -30.76 -1.64
C PRO D 170 3.31 -29.36 -1.13
N VAL D 171 2.36 -28.80 -0.35
CA VAL D 171 2.60 -27.48 0.21
C VAL D 171 3.71 -27.52 1.23
N SER D 172 4.21 -28.72 1.63
CA SER D 172 5.39 -28.77 2.50
C SER D 172 6.74 -28.63 1.81
N THR D 173 6.74 -28.59 0.46
CA THR D 173 8.00 -28.40 -0.28
C THR D 173 8.67 -27.05 0.14
N TYR D 174 9.97 -27.06 0.36
CA TYR D 174 10.65 -25.81 0.73
C TYR D 174 10.76 -24.92 -0.46
N SER D 175 10.68 -23.61 -0.14
CA SER D 175 10.95 -22.53 -1.12
C SER D 175 11.92 -21.55 -0.42
N VAL D 176 12.55 -20.65 -1.17
CA VAL D 176 13.45 -19.71 -0.57
C VAL D 176 13.09 -18.34 -1.20
N LEU D 177 13.22 -17.28 -0.44
CA LEU D 177 12.89 -15.96 -0.97
C LEU D 177 13.63 -14.89 -0.18
N TYR D 178 13.71 -13.69 -0.75
CA TYR D 178 14.13 -12.50 -0.01
C TYR D 178 12.86 -11.74 0.41
N ALA D 179 12.90 -11.27 1.65
CA ALA D 179 11.73 -10.53 2.21
C ALA D 179 12.28 -9.28 2.83
N THR D 180 11.83 -8.13 2.30
CA THR D 180 12.38 -6.83 2.81
C THR D 180 11.28 -6.02 3.52
N CYS D 181 11.59 -5.41 4.67
CA CYS D 181 10.54 -4.66 5.42
C CYS D 181 11.22 -3.44 6.01
N ASN D 182 10.42 -2.48 6.43
CA ASN D 182 10.98 -1.51 7.42
C ASN D 182 10.51 -1.91 8.83
N ALA D 183 10.99 -1.24 9.88
CA ALA D 183 10.67 -1.73 11.22
C ALA D 183 9.18 -1.61 11.59
N ARG D 184 8.49 -0.62 11.02
CA ARG D 184 7.04 -0.54 11.28
C ARG D 184 6.34 -1.74 10.73
N ALA D 185 6.67 -2.05 9.46
CA ALA D 185 6.07 -3.27 8.85
C ALA D 185 6.48 -4.52 9.64
N LEU D 186 7.74 -4.60 10.08
CA LEU D 186 8.16 -5.78 10.91
C LEU D 186 7.33 -5.86 12.20
N MET D 187 7.14 -4.75 12.88
CA MET D 187 6.38 -4.79 14.12
C MET D 187 4.95 -5.19 13.86
N HIS D 188 4.38 -4.70 12.77
CA HIS D 188 3.00 -5.13 12.46
C HIS D 188 2.95 -6.64 12.20
N PHE D 189 3.91 -7.15 11.44
CA PHE D 189 4.03 -8.59 11.21
C PHE D 189 4.21 -9.38 12.53
N LEU D 190 5.09 -8.90 13.40
CA LEU D 190 5.36 -9.63 14.69
C LEU D 190 4.10 -9.67 15.55
N SER D 191 3.32 -8.58 15.57
CA SER D 191 2.12 -8.51 16.39
C SER D 191 1.15 -9.61 15.97
N LEU D 192 1.14 -9.95 14.68
CA LEU D 192 0.20 -10.99 14.21
C LEU D 192 0.82 -12.38 14.15
N ARG D 193 2.11 -12.47 13.95
CA ARG D 193 2.70 -13.79 13.63
C ARG D 193 3.51 -14.33 14.83
N THR D 194 3.30 -13.81 16.04
CA THR D 194 3.84 -14.45 17.26
C THR D 194 2.71 -14.53 18.23
N HIS D 195 2.69 -15.67 18.94
CA HIS D 195 1.64 -15.96 19.92
C HIS D 195 2.23 -15.61 21.27
N ARG D 196 1.80 -14.50 21.87
CA ARG D 196 2.36 -13.96 23.16
C ARG D 196 1.20 -13.69 24.11
N PRO D 197 0.99 -14.59 25.13
CA PRO D 197 -0.12 -14.54 26.10
C PRO D 197 -0.29 -13.18 26.72
N ASP D 198 0.80 -12.48 26.90
CA ASP D 198 0.85 -11.21 27.57
C ASP D 198 0.69 -9.96 26.68
N ALA D 199 0.56 -10.15 25.36
CA ALA D 199 0.50 -9.01 24.44
C ALA D 199 -0.90 -8.41 24.53
N ALA D 200 -1.04 -7.19 24.01
CA ALA D 200 -2.32 -6.52 24.05
C ALA D 200 -3.35 -7.33 23.25
N TYR D 201 -2.92 -7.97 22.16
CA TYR D 201 -3.79 -8.87 21.34
C TYR D 201 -3.13 -10.23 21.22
N VAL D 202 -3.81 -11.31 21.65
CA VAL D 202 -3.14 -12.59 21.56
C VAL D 202 -3.54 -13.15 20.18
N SER D 203 -2.56 -13.30 19.31
CA SER D 203 -2.84 -13.77 17.95
C SER D 203 -2.52 -15.28 17.99
N HIS D 204 -3.10 -16.02 17.05
CA HIS D 204 -2.86 -17.49 17.00
C HIS D 204 -2.25 -18.01 15.66
N PRO D 205 -1.09 -17.45 15.27
CA PRO D 205 -0.45 -17.91 14.02
C PRO D 205 -0.01 -19.36 14.12
N GLN D 206 0.08 -20.01 12.95
CA GLN D 206 0.71 -21.30 12.89
C GLN D 206 2.14 -21.29 13.36
N ARG D 207 2.58 -22.39 14.01
CA ARG D 207 3.90 -22.41 14.62
C ARG D 207 5.00 -22.11 13.64
N GLU D 208 4.85 -22.59 12.38
CA GLU D 208 5.98 -22.42 11.48
C GLU D 208 6.24 -20.97 11.09
N ILE D 209 5.16 -20.20 10.84
CA ILE D 209 5.39 -18.79 10.56
C ILE D 209 5.88 -18.09 11.81
N GLU D 210 5.45 -18.54 13.03
CA GLU D 210 6.00 -17.95 14.26
C GLU D 210 7.50 -18.21 14.35
N MET D 211 7.96 -19.38 13.89
CA MET D 211 9.44 -19.62 13.86
C MET D 211 10.19 -18.63 12.97
N VAL D 212 9.59 -18.29 11.81
CA VAL D 212 10.18 -17.25 11.01
C VAL D 212 10.22 -15.91 11.81
N ALA D 213 9.06 -15.48 12.33
CA ALA D 213 8.87 -14.24 13.05
C ALA D 213 9.90 -14.15 14.20
N GLU D 214 10.08 -15.23 14.92
CA GLU D 214 11.00 -15.13 16.05
C GLU D 214 12.44 -14.90 15.63
N GLN D 215 12.89 -15.51 14.54
CA GLN D 215 14.24 -15.29 14.12
C GLN D 215 14.40 -13.89 13.55
N MET D 216 13.36 -13.39 12.86
CA MET D 216 13.41 -12.01 12.40
C MET D 216 13.53 -11.07 13.60
N GLU D 217 12.76 -11.34 14.66
CA GLU D 217 12.73 -10.42 15.79
C GLU D 217 14.12 -10.41 16.51
N THR D 218 14.72 -11.61 16.62
CA THR D 218 16.07 -11.70 17.23
C THR D 218 17.08 -10.91 16.45
N ALA D 219 16.97 -10.94 15.10
CA ALA D 219 17.93 -10.18 14.33
C ALA D 219 17.66 -8.68 14.47
N TRP D 220 16.36 -8.33 14.41
CA TRP D 220 15.96 -6.91 14.56
C TRP D 220 16.40 -6.28 15.89
N ALA D 221 16.33 -7.04 16.97
CA ALA D 221 16.63 -6.52 18.35
C ALA D 221 18.12 -6.16 18.40
N LYS D 222 18.98 -6.86 17.64
CA LYS D 222 20.36 -6.38 17.51
C LYS D 222 20.51 -5.06 16.84
N LEU D 223 19.69 -4.74 15.84
CA LEU D 223 19.91 -3.52 15.11
C LEU D 223 19.20 -2.35 15.78
N MET D 224 18.09 -2.62 16.47
CA MET D 224 17.26 -1.52 17.03
C MET D 224 16.78 -1.94 18.42
N PRO D 225 17.71 -1.99 19.38
CA PRO D 225 17.36 -2.56 20.68
C PRO D 225 16.38 -1.71 21.48
N VAL D 226 16.45 -0.38 21.33
CA VAL D 226 15.53 0.46 22.05
C VAL D 226 14.08 0.31 21.54
N THR D 227 13.98 0.26 20.19
CA THR D 227 12.65 0.11 19.55
C THR D 227 12.09 -1.26 19.93
N HIS D 228 12.95 -2.29 19.86
CA HIS D 228 12.50 -3.68 20.14
C HIS D 228 11.95 -3.73 21.56
N GLU D 229 12.71 -3.11 22.49
CA GLU D 229 12.23 -3.11 23.89
C GLU D 229 10.89 -2.34 24.10
N ALA D 230 10.74 -1.17 23.42
CA ALA D 230 9.53 -0.36 23.56
C ALA D 230 8.35 -1.14 22.91
N PHE D 231 8.62 -1.85 21.80
CA PHE D 231 7.57 -2.63 21.18
C PHE D 231 6.97 -3.63 22.17
N THR D 232 7.80 -4.37 22.90
CA THR D 232 7.22 -5.33 23.85
C THR D 232 6.62 -4.61 25.12
N ALA D 233 7.23 -3.50 25.48
CA ALA D 233 6.75 -2.76 26.65
C ALA D 233 5.29 -2.27 26.47
N PHE D 234 4.96 -1.85 25.27
CA PHE D 234 3.64 -1.36 24.99
C PHE D 234 2.67 -2.38 24.47
N GLY D 235 2.98 -3.67 24.60
CA GLY D 235 1.90 -4.68 24.37
C GLY D 235 2.01 -5.30 22.96
N ARG D 236 3.14 -5.08 22.31
CA ARG D 236 3.45 -5.70 20.99
C ARG D 236 2.45 -5.30 19.92
N VAL D 237 2.09 -4.02 19.92
CA VAL D 237 1.19 -3.44 18.90
C VAL D 237 2.01 -2.48 18.03
N SER D 238 1.97 -2.61 16.70
CA SER D 238 2.80 -1.77 15.89
C SER D 238 2.27 -0.34 16.01
N PRO D 239 3.16 0.64 16.09
CA PRO D 239 2.77 2.04 16.17
C PRO D 239 2.26 2.48 14.80
PA FAD E . 1.60 6.03 -6.02
O1A FAD E . 3.02 5.97 -5.64
O2A FAD E . 0.60 6.48 -5.03
O5B FAD E . 1.21 4.57 -6.46
C5B FAD E . 2.08 3.84 -7.37
C4B FAD E . 1.34 2.75 -8.16
O4B FAD E . 0.79 1.82 -7.16
C3B FAD E . 0.05 3.31 -8.81
O3B FAD E . 0.39 3.88 -10.09
C2B FAD E . -0.80 2.04 -9.00
O2B FAD E . -0.24 1.18 -10.03
C1B FAD E . -0.48 1.46 -7.57
N9A FAD E . -1.38 1.81 -6.55
C8A FAD E . -1.11 2.35 -5.33
N7A FAD E . -2.23 2.45 -4.59
C5A FAD E . -3.25 1.95 -5.36
C6A FAD E . -4.64 1.82 -5.13
N6A FAD E . -5.28 2.16 -3.95
N1A FAD E . -5.39 1.25 -6.09
C2A FAD E . -4.90 0.90 -7.25
N3A FAD E . -3.53 0.96 -7.51
C4A FAD E . -2.73 1.56 -6.56
N1 FAD E . -4.09 14.57 -8.29
C2 FAD E . -5.31 15.14 -7.96
O2 FAD E . -5.84 14.81 -6.92
N3 FAD E . -5.89 16.01 -8.90
C4 FAD E . -5.30 16.37 -10.08
O4 FAD E . -5.88 17.13 -10.86
C4X FAD E . -4.07 15.81 -10.40
N5 FAD E . -3.44 16.11 -11.63
C5X FAD E . -2.03 15.66 -11.71
C6 FAD E . -1.27 16.05 -12.83
C7 FAD E . 0.10 15.70 -12.96
C7M FAD E . 0.86 16.14 -14.22
C8 FAD E . 0.67 14.76 -12.08
C8M FAD E . 2.11 14.25 -12.26
C9 FAD E . -0.07 14.38 -10.93
C9A FAD E . -1.43 14.82 -10.79
N10 FAD E . -2.19 14.39 -9.64
C10 FAD E . -3.48 14.91 -9.47
C1' FAD E . -1.61 13.48 -8.70
C2' FAD E . -1.82 12.05 -9.36
O2' FAD E . -3.21 11.63 -9.53
C3' FAD E . -1.20 10.97 -8.39
O3' FAD E . -1.68 11.07 -7.03
C4' FAD E . 0.38 11.02 -8.29
O4' FAD E . 0.83 11.35 -9.63
C5' FAD E . 0.92 9.71 -7.75
O5' FAD E . 0.77 8.76 -8.78
P FAD E . 0.43 7.24 -8.37
O1P FAD E . -0.87 7.13 -7.64
O2P FAD E . 0.50 6.49 -9.62
O3P FAD E . 1.58 6.84 -7.38
P 5BU F . 0.84 20.24 10.32
OP1 5BU F . 1.63 21.39 9.76
OP2 5BU F . 1.18 19.85 11.77
OP3 5BU F . -0.72 20.39 10.11
O5' 5BU F . 1.26 18.93 9.44
C5' 5BU F . 2.55 18.79 9.08
C4' 5BU F . 2.68 17.39 8.26
O4' 5BU F . 2.33 16.30 9.20
C3' 5BU F . 1.66 17.28 7.15
O3' 5BU F . 2.12 16.34 6.13
C2' 5BU F . 0.49 16.63 7.86
O2' 5BU F . -0.35 15.92 6.92
C1' 5BU F . 1.07 15.73 8.93
N1 5BU F . 0.35 15.74 10.23
C2 5BU F . -0.95 15.25 10.24
O2 5BU F . -1.36 14.69 9.19
N3 5BU F . -1.77 15.34 11.32
C4 5BU F . -1.29 15.95 12.48
O4 5BU F . -2.00 16.03 13.45
C5 5BU F . 0.02 16.45 12.43
C6 5BU F . 0.86 16.42 11.36
BR 5BU F . 0.78 17.12 14.08
P 5BU G . -2.50 21.65 -7.20
OP1 5BU G . -3.37 22.53 -6.40
OP2 5BU G . -1.06 21.75 -6.98
OP3 5BU G . -2.92 21.45 -8.59
O5' 5BU G . -2.75 20.18 -6.59
C5' 5BU G . -4.09 19.79 -6.26
C4' 5BU G . -4.00 18.36 -5.65
O4' 5BU G . -3.69 17.40 -6.78
C3' 5BU G . -2.94 18.09 -4.62
O3' 5BU G . -3.40 16.93 -3.78
C2' 5BU G . -1.76 17.67 -5.47
O2' 5BU G . -0.93 16.87 -4.70
C1' 5BU G . -2.36 16.88 -6.61
N1 5BU G . -1.58 17.27 -7.87
C2 5BU G . -0.26 16.86 -7.97
O2 5BU G . 0.16 16.12 -7.07
N3 5BU G . 0.48 17.21 -9.07
C4 5BU G . -0.04 17.96 -10.15
O4 5BU G . 0.73 18.34 -11.03
C5 5BU G . -1.35 18.33 -10.01
C6 5BU G . -2.13 18.01 -8.93
BR 5BU G . -2.23 19.22 -11.45
PA FAD H . -1.93 4.84 6.38
O1A FAD H . -3.34 4.74 5.99
O2A FAD H . -0.96 5.54 5.60
O5B FAD H . -1.42 3.39 6.66
C5B FAD H . -2.22 2.45 7.49
C4B FAD H . -1.35 1.35 8.01
O4B FAD H . -0.75 0.66 6.89
C3B FAD H . -0.18 1.87 8.79
O3B FAD H . -0.55 2.11 10.17
C2B FAD H . 0.86 0.73 8.69
O2B FAD H . 0.37 -0.37 9.55
C1B FAD H . 0.64 0.26 7.22
N9A FAD H . 1.54 0.89 6.23
C8A FAD H . 1.13 1.53 5.12
N7A FAD H . 2.19 1.91 4.40
C5A FAD H . 3.32 1.42 5.05
C6A FAD H . 4.72 1.44 4.83
N6A FAD H . 5.28 2.02 3.73
N1A FAD H . 5.52 0.86 5.78
C2A FAD H . 5.01 0.21 6.86
N3A FAD H . 3.67 0.16 7.10
C4A FAD H . 2.84 0.80 6.23
N1 FAD H . 3.03 13.30 10.22
C2 FAD H . 4.22 13.95 9.99
O2 FAD H . 4.77 13.98 8.90
N3 FAD H . 4.74 14.73 10.99
C4 FAD H . 4.09 14.86 12.22
O4 FAD H . 4.69 15.55 13.09
C4X FAD H . 2.89 14.17 12.45
N5 FAD H . 2.25 14.14 13.71
C5X FAD H . 0.94 13.58 13.80
C6 FAD H . 0.10 13.73 14.92
C7 FAD H . -1.18 13.14 15.01
C7M FAD H . -1.95 13.41 16.31
C8 FAD H . -1.75 12.41 13.93
C8M FAD H . -3.13 11.69 14.01
C9 FAD H . -0.93 12.25 12.78
C9A FAD H . 0.36 12.88 12.70
N10 FAD H . 1.17 12.71 11.55
C10 FAD H . 2.37 13.40 11.43
C1' FAD H . 0.64 12.00 10.34
C2' FAD H . 0.98 10.48 10.72
O2' FAD H . 2.42 10.24 10.77
C3' FAD H . 0.49 9.54 9.59
O3' FAD H . 0.96 9.92 8.29
C4' FAD H . -1.13 9.51 9.51
O4' FAD H . -1.64 9.52 10.80
C5' FAD H . -1.56 8.24 8.73
O5' FAD H . -1.40 7.11 9.61
P FAD H . -0.86 5.74 8.96
O1P FAD H . 0.48 5.87 8.29
O2P FAD H . -0.90 4.78 10.07
O3P FAD H . -1.93 5.39 7.85
PA FAD I . 1.31 -4.98 -7.15
O1A FAD I . -0.11 -5.02 -7.34
O2A FAD I . 1.79 -5.63 -5.94
O5B FAD I . 1.72 -3.49 -7.15
C5B FAD I . 1.30 -2.53 -8.16
C4B FAD I . 2.28 -1.34 -8.36
O4B FAD I . 2.30 -0.71 -7.06
C3B FAD I . 3.72 -1.92 -8.57
O3B FAD I . 3.94 -2.21 -9.95
C2B FAD I . 4.54 -0.66 -8.08
O2B FAD I . 4.50 0.46 -9.04
C1B FAD I . 3.68 -0.29 -6.86
N9A FAD I . 4.07 -0.87 -5.57
C8A FAD I . 3.37 -1.57 -4.62
N7A FAD I . 4.10 -1.86 -3.55
C5A FAD I . 5.29 -1.26 -3.73
C6A FAD I . 6.46 -1.22 -2.94
N6A FAD I . 6.51 -1.76 -1.72
N1A FAD I . 7.51 -0.52 -3.47
C2A FAD I . 7.48 0.03 -4.69
N3A FAD I . 6.34 0.05 -5.44
C4A FAD I . 5.29 -0.68 -5.03
N1 FAD I . 7.68 -13.25 -8.32
C2 FAD I . 8.69 -13.84 -7.64
O2 FAD I . 8.71 -13.79 -6.42
N3 FAD I . 9.63 -14.60 -8.31
C4 FAD I . 9.55 -14.73 -9.65
O4 FAD I . 10.36 -15.39 -10.31
C4X FAD I . 8.52 -14.09 -10.37
N5 FAD I . 8.43 -14.26 -11.73
C5X FAD I . 7.23 -13.72 -12.39
C6 FAD I . 7.00 -13.88 -13.78
C7 FAD I . 5.82 -13.43 -14.40
C7M FAD I . 5.59 -13.63 -16.00
C8 FAD I . 4.92 -12.64 -13.66
C8M FAD I . 3.69 -12.01 -14.22
C9 FAD I . 5.11 -12.39 -12.29
C9A FAD I . 6.25 -12.95 -11.66
N10 FAD I . 6.49 -12.75 -10.26
C10 FAD I . 7.59 -13.32 -9.67
C1' FAD I . 5.58 -11.93 -9.44
C2' FAD I . 6.03 -10.42 -9.68
O2' FAD I . 7.31 -10.19 -9.14
C3' FAD I . 4.98 -9.54 -8.93
O3' FAD I . 4.95 -9.90 -7.53
C4' FAD I . 3.51 -9.64 -9.46
O4' FAD I . 3.56 -9.60 -10.92
C5' FAD I . 2.73 -8.35 -8.92
O5' FAD I . 3.31 -7.25 -9.69
P FAD I . 3.43 -5.80 -8.95
O1P FAD I . 4.33 -5.84 -7.75
O2P FAD I . 3.77 -4.76 -10.04
O3P FAD I . 1.94 -5.53 -8.46
P 5BU J . -4.19 -21.78 5.49
OP1 5BU J . -5.18 -21.59 6.53
OP2 5BU J . -2.76 -21.91 5.98
OP3 5BU J . -4.71 -22.87 4.53
O5' 5BU J . -4.19 -20.36 4.67
C5' 5BU J . -5.31 -20.05 3.91
C4' 5BU J . -5.15 -18.52 3.38
O4' 5BU J . -5.24 -17.64 4.50
C3' 5BU J . -3.80 -18.32 2.80
O3' 5BU J . -3.87 -17.20 1.89
C2' 5BU J . -3.02 -17.88 4.03
O2' 5BU J . -1.90 -17.01 3.64
C1' 5BU J . -4.01 -17.04 4.81
N1 5BU J . -3.85 -17.39 6.30
C2 5BU J . -2.77 -16.90 6.89
O2 5BU J . -2.00 -16.22 6.23
N3 5BU J . -2.47 -17.21 8.19
C4 5BU J . -3.33 -17.94 8.93
O4 5BU J . -3.03 -18.21 10.08
C5 5BU J . -4.49 -18.40 8.31
C6 5BU J . -4.82 -18.15 7.02
BR 5BU J . -5.86 -19.31 9.33
P 5BU K . 6.03 -20.40 -9.19
OP1 5BU K . 7.03 -19.94 -10.18
OP2 5BU K . 4.62 -20.54 -9.53
OP3 5BU K . 6.62 -21.42 -8.24
O5' 5BU K . 6.00 -19.04 -8.25
C5' 5BU K . 7.06 -18.72 -7.29
C4' 5BU K . 6.72 -17.33 -6.59
O4' 5BU K . 6.82 -16.29 -7.66
C3' 5BU K . 5.33 -17.31 -6.03
O3' 5BU K . 5.35 -16.29 -5.01
C2' 5BU K . 4.61 -16.74 -7.23
O2' 5BU K . 3.41 -16.00 -6.76
C1' 5BU K . 5.54 -15.76 -7.94
N1 5BU K . 5.32 -15.90 -9.46
C2 5BU K . 4.17 -15.43 -10.00
O2 5BU K . 3.39 -14.86 -9.23
N3 5BU K . 3.93 -15.53 -11.32
C4 5BU K . 4.84 -16.15 -12.18
O4 5BU K . 4.57 -16.38 -13.36
C5 5BU K . 6.00 -16.55 -11.58
C6 5BU K . 6.26 -16.49 -10.26
BR 5BU K . 7.42 -17.23 -12.73
PA FAD L . -0.66 -6.04 5.69
O1A FAD L . 0.72 -5.89 5.87
O2A FAD L . -1.09 -6.47 4.35
O5B FAD L . -1.27 -4.56 5.93
C5B FAD L . -0.87 -3.88 7.01
C4B FAD L . -2.01 -2.89 7.50
O4B FAD L . -2.00 -1.96 6.38
C3B FAD L . -3.43 -3.44 7.55
O3B FAD L . -3.54 -3.92 8.90
C2B FAD L . -4.29 -2.22 7.32
O2B FAD L . -4.30 -1.33 8.49
C1B FAD L . -3.45 -1.59 6.20
N9A FAD L . -3.86 -2.02 4.83
C8A FAD L . -3.03 -2.53 3.86
N7A FAD L . -3.77 -2.64 2.71
C5A FAD L . -5.05 -2.23 2.97
C6A FAD L . -6.19 -2.16 2.17
N6A FAD L . -6.18 -2.48 0.87
N1A FAD L . -7.33 -1.67 2.73
C2A FAD L . -7.33 -1.26 4.01
N3A FAD L . -6.21 -1.31 4.80
C4A FAD L . -5.07 -1.82 4.31
N1 FAD L . -6.37 -14.85 5.52
C2 FAD L . -7.27 -15.44 4.78
O2 FAD L . -7.39 -15.17 3.57
N3 FAD L . -8.17 -16.37 5.34
C4 FAD L . -8.16 -16.66 6.67
O4 FAD L . -9.00 -17.47 7.15
C4X FAD L . -7.19 -16.03 7.50
N5 FAD L . -7.14 -16.28 8.84
C5X FAD L . -6.05 -15.78 9.57
C6 FAD L . -5.85 -16.17 10.95
C7 FAD L . -4.71 -15.65 11.61
C7M FAD L . -4.57 -16.11 13.12
C8 FAD L . -3.77 -14.80 11.01
C8M FAD L . -2.53 -14.14 11.69
C9 FAD L . -3.99 -14.44 9.68
C9A FAD L . -5.12 -14.89 9.00
N10 FAD L . -5.26 -14.56 7.62
C10 FAD L . -6.26 -15.13 6.92
C1' FAD L . -4.36 -13.58 6.95
C2' FAD L . -4.91 -12.13 7.34
O2' FAD L . -6.25 -11.87 6.83
C3' FAD L . -3.99 -11.08 6.72
O3' FAD L . -3.90 -11.30 5.32
C4' FAD L . -2.56 -11.13 7.33
O4' FAD L . -2.66 -11.27 8.73
C5' FAD L . -1.81 -9.84 7.04
O5' FAD L . -2.44 -8.80 7.91
P FAD L . -2.67 -7.33 7.32
O1P FAD L . -3.58 -7.33 6.17
O2P FAD L . -3.23 -6.60 8.52
O3P FAD L . -1.20 -6.87 6.94
#